data_7A5B
#
_entry.id   7A5B
#
_cell.length_a   65.712
_cell.length_b   84.939
_cell.length_c   76.803
_cell.angle_alpha   90.000
_cell.angle_beta   108.500
_cell.angle_gamma   90.000
#
_symmetry.space_group_name_H-M   'P 1 21 1'
#
loop_
_entity.id
_entity.type
_entity.pdbx_description
1 polymer 'Dual specificity tyrosine-phosphorylation-regulated kinase 1A'
2 non-polymer 4-(4-methoxy-1H-pyrrolo[2,3-b]pyridin-3-yl)pyrimidin-2-amine
3 water water
#
_entity_poly.entity_id   1
_entity_poly.type   'polypeptide(L)'
_entity_poly.pdbx_seq_one_letter_code
;MHHHHHHSSGVDLGTENLYFQSMSSHKKERKVYNDGYDDDNYDYIVKNGEKWMDRYEIDSLIGKGSFGQVVKAYDRVEQE
WVAIKIIKNKKAFLNQAQIEVRLLELMNKHDTEMKYYIVHLKRHFMFRNHLCLVFEMLSYNLYDLLRNTNFRGVSLNLTR
KFAQQMCTALLFLATPELSIIHCDLKPENILLCNPKRSAIKIVDFGSSCQLGQRIYQ(PTR)IQSRFYRSPEVLLGMPYD
LAIDMWSLGCILVEMHTGEPLFSGANEVDQMNKIVEVLGIPPAHILDQAPKARKFFEKLPDGTWNLKKTKDGKREYKPPG
TRKLHNILGVETGGPGGRRAGESGHTVADYLKFKDLILRMLDYDPKTRIQPYYALQHSFFKKTADE
;
_entity_poly.pdbx_strand_id   A,B
#
loop_
_chem_comp.id
_chem_comp.type
_chem_comp.name
_chem_comp.formula
MFR non-polymer 4-(4-methoxy-1H-pyrrolo[2,3-b]pyridin-3-yl)pyrimidin-2-amine 'C12 H11 N5 O'
#
# COMPACT_ATOMS: atom_id res chain seq x y z
N TYR A 33 0.71 6.23 -21.76
CA TYR A 33 0.23 5.90 -20.39
C TYR A 33 -1.29 6.20 -20.30
N ASN A 34 -2.11 5.13 -20.29
CA ASN A 34 -3.58 5.15 -19.97
C ASN A 34 -4.32 6.06 -20.96
N ASP A 35 -4.04 5.91 -22.25
CA ASP A 35 -4.73 6.67 -23.34
C ASP A 35 -4.49 8.16 -23.08
N GLY A 36 -3.30 8.52 -22.61
CA GLY A 36 -2.86 9.92 -22.46
C GLY A 36 -3.45 10.63 -21.24
N TYR A 37 -4.30 9.96 -20.46
CA TYR A 37 -4.97 10.51 -19.25
C TYR A 37 -4.01 10.57 -18.05
N ASP A 38 -2.90 9.84 -18.06
CA ASP A 38 -1.98 9.78 -16.90
C ASP A 38 -0.63 10.41 -17.25
N ASP A 39 0.02 11.01 -16.27
CA ASP A 39 1.40 11.52 -16.39
C ASP A 39 2.31 10.38 -15.95
N ASP A 40 3.62 10.62 -15.85
CA ASP A 40 4.61 9.51 -15.67
C ASP A 40 4.86 9.35 -14.17
N ASN A 41 3.96 9.89 -13.34
CA ASN A 41 3.84 9.67 -11.87
C ASN A 41 2.63 8.77 -11.58
N TYR A 42 1.93 8.30 -12.62
CA TYR A 42 0.67 7.52 -12.60
C TYR A 42 -0.52 8.36 -12.11
N ASP A 43 -0.36 9.68 -11.98
CA ASP A 43 -1.45 10.60 -11.59
C ASP A 43 -2.36 10.86 -12.79
N TYR A 44 -3.64 11.08 -12.55
CA TYR A 44 -4.62 11.48 -13.58
C TYR A 44 -4.37 12.94 -13.96
N ILE A 45 -4.12 13.25 -15.23
CA ILE A 45 -3.85 14.66 -15.62
C ILE A 45 -5.17 15.42 -15.57
N VAL A 46 -5.37 16.27 -14.55
CA VAL A 46 -6.66 16.94 -14.26
C VAL A 46 -6.83 18.10 -15.24
N LYS A 47 -8.03 18.19 -15.85
CA LYS A 47 -8.42 19.34 -16.72
C LYS A 47 -9.58 20.08 -16.04
N ASN A 48 -9.42 21.37 -15.73
CA ASN A 48 -10.53 22.19 -15.20
C ASN A 48 -11.64 22.26 -16.25
N GLY A 49 -12.89 22.07 -15.84
CA GLY A 49 -14.07 22.18 -16.71
C GLY A 49 -14.65 20.82 -17.02
N GLU A 50 -13.84 19.76 -16.96
CA GLU A 50 -14.18 18.40 -17.42
C GLU A 50 -15.42 17.88 -16.70
N LYS A 51 -16.29 17.18 -17.42
CA LYS A 51 -17.54 16.60 -16.88
C LYS A 51 -17.37 15.08 -16.87
N TRP A 52 -17.74 14.41 -15.76
CA TRP A 52 -17.48 12.97 -15.52
C TRP A 52 -18.79 12.22 -15.33
N MET A 53 -18.98 11.13 -16.09
CA MET A 53 -20.15 10.24 -16.01
C MET A 53 -21.42 11.10 -16.05
N ASP A 54 -21.35 12.24 -16.73
CA ASP A 54 -22.49 13.17 -16.87
C ASP A 54 -23.05 13.44 -15.46
N ARG A 55 -22.17 13.56 -14.47
CA ARG A 55 -22.52 13.75 -13.03
C ARG A 55 -21.62 14.79 -12.38
N TYR A 56 -20.29 14.67 -12.52
CA TYR A 56 -19.32 15.54 -11.80
C TYR A 56 -18.68 16.54 -12.77
N GLU A 57 -18.67 17.81 -12.35
CA GLU A 57 -17.90 18.89 -13.02
C GLU A 57 -16.64 19.14 -12.22
N ILE A 58 -15.47 18.82 -12.77
CA ILE A 58 -14.16 18.99 -12.08
C ILE A 58 -13.84 20.48 -12.09
N ASP A 59 -13.79 21.11 -10.92
CA ASP A 59 -13.51 22.56 -10.81
C ASP A 59 -12.00 22.75 -10.83
N SER A 60 -11.27 22.16 -9.88
CA SER A 60 -9.81 22.39 -9.71
C SER A 60 -9.15 21.40 -8.76
N LEU A 61 -7.82 21.35 -8.87
CA LEU A 61 -6.87 20.63 -7.98
C LEU A 61 -6.85 21.35 -6.65
N ILE A 62 -7.25 20.70 -5.56
CA ILE A 62 -7.23 21.33 -4.19
C ILE A 62 -6.23 20.59 -3.30
N GLY A 63 -5.59 19.52 -3.78
CA GLY A 63 -4.72 18.66 -2.95
C GLY A 63 -3.88 17.71 -3.79
N LYS A 64 -2.69 17.37 -3.28
CA LYS A 64 -1.75 16.40 -3.87
C LYS A 64 -1.12 15.65 -2.68
N GLY A 65 -0.84 14.35 -2.83
CA GLY A 65 -0.17 13.50 -1.83
C GLY A 65 0.45 12.28 -2.50
N SER A 66 0.95 11.32 -1.74
CA SER A 66 1.58 10.09 -2.30
C SER A 66 0.51 9.24 -3.01
N PHE A 67 -0.71 9.31 -2.50
CA PHE A 67 -1.89 8.55 -3.00
C PHE A 67 -2.27 8.96 -4.42
N GLY A 68 -2.03 10.22 -4.78
CA GLY A 68 -2.55 10.84 -6.02
C GLY A 68 -2.98 12.25 -5.75
N GLN A 69 -4.22 12.61 -6.08
CA GLN A 69 -4.65 14.03 -6.02
C GLN A 69 -6.04 14.15 -5.41
N VAL A 70 -6.41 15.38 -5.05
CA VAL A 70 -7.77 15.76 -4.58
C VAL A 70 -8.30 16.90 -5.47
N VAL A 71 -9.50 16.74 -6.01
CA VAL A 71 -10.12 17.83 -6.82
C VAL A 71 -11.43 18.27 -6.18
N LYS A 72 -11.76 19.56 -6.36
CA LYS A 72 -13.09 20.13 -6.05
C LYS A 72 -13.99 19.87 -7.26
N ALA A 73 -15.16 19.31 -7.04
CA ALA A 73 -16.07 18.94 -8.14
C ALA A 73 -17.51 19.23 -7.73
N TYR A 74 -18.37 19.54 -8.71
CA TYR A 74 -19.81 19.76 -8.43
C TYR A 74 -20.60 18.51 -8.86
N ASP A 75 -21.37 17.98 -7.90
CA ASP A 75 -22.26 16.81 -8.09
C ASP A 75 -23.64 17.35 -8.50
N ARG A 76 -23.91 17.32 -9.82
CA ARG A 76 -25.15 17.81 -10.45
C ARG A 76 -26.34 16.96 -9.96
N VAL A 77 -26.10 15.69 -9.64
CA VAL A 77 -27.14 14.77 -9.13
C VAL A 77 -27.54 15.14 -7.69
N GLU A 78 -26.60 15.43 -6.79
CA GLU A 78 -26.94 15.68 -5.37
C GLU A 78 -26.95 17.18 -5.09
N GLN A 79 -26.75 18.00 -6.13
CA GLN A 79 -26.80 19.49 -6.03
C GLN A 79 -25.85 19.93 -4.91
N GLU A 80 -24.59 19.46 -4.91
CA GLU A 80 -23.59 19.77 -3.84
C GLU A 80 -22.15 19.67 -4.36
N TRP A 81 -21.28 20.46 -3.73
CA TRP A 81 -19.81 20.44 -3.90
C TRP A 81 -19.21 19.25 -3.16
N VAL A 82 -18.20 18.59 -3.75
CA VAL A 82 -17.53 17.41 -3.15
C VAL A 82 -16.02 17.50 -3.37
N ALA A 83 -15.25 16.75 -2.58
CA ALA A 83 -13.82 16.48 -2.82
C ALA A 83 -13.69 15.05 -3.38
N ILE A 84 -13.03 14.91 -4.51
CA ILE A 84 -12.74 13.60 -5.13
C ILE A 84 -11.26 13.33 -5.00
N LYS A 85 -10.93 12.33 -4.19
CA LYS A 85 -9.54 11.82 -4.08
C LYS A 85 -9.29 10.85 -5.24
N ILE A 86 -8.51 11.26 -6.23
CA ILE A 86 -8.17 10.44 -7.43
C ILE A 86 -6.86 9.71 -7.10
N ILE A 87 -6.94 8.39 -6.94
CA ILE A 87 -5.79 7.53 -6.54
C ILE A 87 -4.93 7.26 -7.77
N LYS A 88 -3.60 7.20 -7.61
CA LYS A 88 -2.64 6.84 -8.69
C LYS A 88 -3.04 5.51 -9.33
N ASN A 89 -2.87 5.40 -10.64
CA ASN A 89 -3.15 4.18 -11.46
C ASN A 89 -1.96 3.22 -11.33
N LYS A 90 -1.78 2.64 -10.13
CA LYS A 90 -0.65 1.78 -9.70
C LYS A 90 -1.19 0.85 -8.58
N LYS A 91 -0.96 -0.47 -8.66
CA LYS A 91 -1.68 -1.50 -7.82
C LYS A 91 -1.59 -1.16 -6.32
N ALA A 92 -0.41 -0.77 -5.83
CA ALA A 92 -0.14 -0.57 -4.38
C ALA A 92 -0.98 0.58 -3.81
N PHE A 93 -1.18 1.64 -4.57
CA PHE A 93 -1.91 2.85 -4.08
C PHE A 93 -3.40 2.52 -4.09
N LEU A 94 -3.82 1.80 -5.12
CA LEU A 94 -5.20 1.28 -5.24
C LEU A 94 -5.47 0.36 -4.05
N ASN A 95 -4.53 -0.51 -3.67
CA ASN A 95 -4.78 -1.45 -2.54
C ASN A 95 -4.83 -0.64 -1.24
N GLN A 96 -3.94 0.34 -1.08
CA GLN A 96 -3.94 1.26 0.09
C GLN A 96 -5.30 1.96 0.19
N ALA A 97 -5.81 2.51 -0.89
CA ALA A 97 -7.08 3.28 -0.90
C ALA A 97 -8.25 2.34 -0.63
N GLN A 98 -8.15 1.06 -1.01
CA GLN A 98 -9.19 0.04 -0.73
C GLN A 98 -9.24 -0.19 0.79
N ILE A 99 -8.09 -0.14 1.48
CA ILE A 99 -8.03 -0.20 2.97
C ILE A 99 -8.63 1.08 3.56
N GLU A 100 -8.40 2.23 2.94
CA GLU A 100 -8.97 3.50 3.44
C GLU A 100 -10.49 3.44 3.30
N VAL A 101 -10.97 2.93 2.16
CA VAL A 101 -12.43 2.78 1.94
C VAL A 101 -12.98 1.89 3.05
N ARG A 102 -12.29 0.80 3.35
CA ARG A 102 -12.80 -0.20 4.32
C ARG A 102 -12.94 0.45 5.71
N LEU A 103 -11.90 1.17 6.13
CA LEU A 103 -11.86 1.81 7.48
C LEU A 103 -12.90 2.93 7.53
N LEU A 104 -13.03 3.71 6.45
CA LEU A 104 -13.99 4.83 6.43
C LEU A 104 -15.41 4.24 6.53
N GLU A 105 -15.69 3.14 5.84
CA GLU A 105 -17.05 2.54 5.82
C GLU A 105 -17.32 1.97 7.22
N LEU A 106 -16.33 1.32 7.83
CA LEU A 106 -16.43 0.81 9.22
C LEU A 106 -16.84 1.96 10.15
N MET A 107 -16.18 3.11 10.10
CA MET A 107 -16.50 4.26 10.98
C MET A 107 -17.93 4.78 10.72
N ASN A 108 -18.38 4.87 9.46
CA ASN A 108 -19.71 5.43 9.11
C ASN A 108 -20.80 4.50 9.64
N LYS A 109 -20.51 3.20 9.79
CA LYS A 109 -21.45 2.20 10.37
C LYS A 109 -21.88 2.59 11.79
N HIS A 110 -21.04 3.31 12.55
CA HIS A 110 -21.24 3.60 14.01
C HIS A 110 -22.29 4.69 14.25
N ASP A 111 -23.17 4.46 15.24
CA ASP A 111 -24.36 5.31 15.56
C ASP A 111 -23.99 6.29 16.68
N THR A 112 -23.03 7.19 16.46
CA THR A 112 -22.48 8.11 17.50
C THR A 112 -22.21 9.48 16.87
N GLU A 113 -22.38 10.57 17.64
CA GLU A 113 -22.08 11.97 17.23
C GLU A 113 -20.56 12.17 17.05
N MET A 114 -19.76 11.27 17.61
CA MET A 114 -18.28 11.34 17.64
C MET A 114 -17.69 11.01 16.27
N LYS A 115 -18.44 10.32 15.40
CA LYS A 115 -18.00 9.93 14.03
C LYS A 115 -18.07 11.13 13.08
N TYR A 116 -18.51 12.30 13.56
CA TYR A 116 -18.60 13.54 12.76
C TYR A 116 -17.29 14.33 12.93
N TYR A 117 -16.31 13.77 13.66
CA TYR A 117 -14.94 14.34 13.75
C TYR A 117 -14.02 13.70 12.70
N ILE A 118 -14.56 12.82 11.88
CA ILE A 118 -13.85 12.14 10.75
C ILE A 118 -14.55 12.53 9.45
N VAL A 119 -13.78 12.81 8.40
CA VAL A 119 -14.32 13.23 7.10
C VAL A 119 -15.19 12.08 6.59
N HIS A 120 -16.35 12.42 6.03
CA HIS A 120 -17.38 11.47 5.53
C HIS A 120 -17.07 11.07 4.08
N LEU A 121 -16.90 9.76 3.83
CA LEU A 121 -16.87 9.16 2.48
C LEU A 121 -18.30 8.87 2.01
N LYS A 122 -18.76 9.54 0.95
CA LYS A 122 -20.12 9.41 0.40
C LYS A 122 -20.20 8.11 -0.43
N ARG A 123 -19.23 7.91 -1.34
CA ARG A 123 -19.12 6.71 -2.23
C ARG A 123 -17.75 6.69 -2.93
N HIS A 124 -17.54 5.70 -3.78
CA HIS A 124 -16.26 5.54 -4.53
C HIS A 124 -16.56 4.83 -5.83
N PHE A 125 -15.70 5.01 -6.84
CA PHE A 125 -15.89 4.41 -8.18
C PHE A 125 -14.55 4.38 -8.90
N MET A 126 -14.43 3.42 -9.81
CA MET A 126 -13.33 3.35 -10.78
C MET A 126 -13.73 4.23 -11.98
N PHE A 127 -12.84 5.12 -12.40
CA PHE A 127 -13.03 6.08 -13.51
C PHE A 127 -11.70 6.30 -14.23
N ARG A 128 -11.64 5.88 -15.50
CA ARG A 128 -10.45 5.99 -16.38
C ARG A 128 -9.24 5.36 -15.64
N ASN A 129 -9.46 4.18 -15.07
CA ASN A 129 -8.43 3.32 -14.45
C ASN A 129 -7.88 4.00 -13.19
N HIS A 130 -8.67 4.87 -12.56
CA HIS A 130 -8.34 5.50 -11.27
C HIS A 130 -9.46 5.21 -10.27
N LEU A 131 -9.12 4.71 -9.09
CA LEU A 131 -10.08 4.66 -7.97
C LEU A 131 -10.26 6.09 -7.49
N CYS A 132 -11.51 6.52 -7.38
CA CYS A 132 -11.95 7.87 -6.96
C CYS A 132 -12.83 7.73 -5.72
N LEU A 133 -12.39 8.24 -4.58
CA LEU A 133 -13.21 8.33 -3.33
C LEU A 133 -13.87 9.72 -3.33
N VAL A 134 -15.20 9.75 -3.20
CA VAL A 134 -16.00 11.01 -3.12
C VAL A 134 -16.26 11.32 -1.65
N PHE A 135 -15.75 12.46 -1.19
CA PHE A 135 -15.82 12.94 0.20
C PHE A 135 -16.71 14.19 0.25
N GLU A 136 -17.30 14.48 1.40
CA GLU A 136 -17.79 15.85 1.71
C GLU A 136 -16.67 16.87 1.46
N MET A 137 -17.02 18.03 0.94
CA MET A 137 -16.10 19.17 0.74
C MET A 137 -15.80 19.76 2.12
N LEU A 138 -14.53 19.85 2.50
CA LEU A 138 -14.09 20.60 3.72
C LEU A 138 -13.37 21.87 3.31
N SER A 139 -12.83 22.63 4.27
CA SER A 139 -12.11 23.90 4.03
C SER A 139 -10.60 23.75 4.24
N TYR A 140 -9.94 24.82 4.71
CA TYR A 140 -8.48 24.92 4.97
C TYR A 140 -8.04 23.92 6.03
N ASN A 141 -6.77 23.53 5.96
CA ASN A 141 -6.13 22.69 7.00
C ASN A 141 -5.49 23.59 8.06
N LEU A 142 -5.07 23.01 9.18
CA LEU A 142 -4.59 23.75 10.37
C LEU A 142 -3.25 24.43 10.05
N TYR A 143 -2.51 23.94 9.07
CA TYR A 143 -1.25 24.57 8.62
C TYR A 143 -1.52 25.87 7.85
N ASP A 144 -2.52 25.89 6.96
CA ASP A 144 -3.03 27.13 6.29
C ASP A 144 -3.40 28.18 7.35
N LEU A 145 -4.03 27.72 8.42
CA LEU A 145 -4.54 28.58 9.51
C LEU A 145 -3.37 29.21 10.27
N LEU A 146 -2.28 28.47 10.47
CA LEU A 146 -1.04 28.98 11.10
C LEU A 146 -0.37 30.00 10.18
N ARG A 147 -0.42 29.78 8.86
CA ARG A 147 0.14 30.73 7.86
C ARG A 147 -0.66 32.06 7.88
N ASN A 148 -1.97 32.04 8.14
CA ASN A 148 -2.80 33.27 8.24
C ASN A 148 -2.56 33.97 9.59
N THR A 149 -1.91 33.30 10.55
CA THR A 149 -1.41 33.91 11.81
C THR A 149 0.04 34.38 11.63
N ASN A 150 0.59 34.19 10.43
CA ASN A 150 2.02 34.47 10.13
C ASN A 150 2.89 33.70 11.12
N PHE A 151 2.51 32.45 11.41
CA PHE A 151 3.23 31.48 12.27
C PHE A 151 3.47 32.08 13.66
N ARG A 152 2.47 32.80 14.16
CA ARG A 152 2.48 33.36 15.55
C ARG A 152 1.43 32.63 16.43
N GLY A 153 0.59 31.80 15.83
CA GLY A 153 -0.29 30.87 16.55
C GLY A 153 -1.67 31.46 16.83
N VAL A 154 -2.61 30.61 17.20
CA VAL A 154 -4.02 30.98 17.48
C VAL A 154 -4.19 31.04 19.00
N SER A 155 -5.31 31.60 19.50
CA SER A 155 -5.52 31.88 20.95
C SER A 155 -5.58 30.55 21.69
N LEU A 156 -5.28 30.56 22.97
CA LEU A 156 -5.42 29.36 23.84
C LEU A 156 -6.87 28.87 23.83
N ASN A 157 -7.86 29.77 23.67
CA ASN A 157 -9.31 29.44 23.64
C ASN A 157 -9.64 28.65 22.36
N LEU A 158 -9.06 29.02 21.22
CA LEU A 158 -9.34 28.32 19.96
C LEU A 158 -8.54 27.00 19.94
N THR A 159 -7.35 26.99 20.53
CA THR A 159 -6.53 25.76 20.73
C THR A 159 -7.38 24.73 21.50
N ARG A 160 -8.05 25.15 22.57
CA ARG A 160 -8.86 24.28 23.48
C ARG A 160 -10.01 23.67 22.70
N LYS A 161 -10.60 24.44 21.78
CA LYS A 161 -11.76 23.99 20.98
C LYS A 161 -11.28 22.89 20.03
N PHE A 162 -10.08 23.03 19.45
CA PHE A 162 -9.46 22.04 18.52
C PHE A 162 -9.02 20.79 19.30
N ALA A 163 -8.37 21.00 20.44
CA ALA A 163 -7.92 19.94 21.35
C ALA A 163 -9.12 19.07 21.79
N GLN A 164 -10.24 19.71 22.15
CA GLN A 164 -11.46 18.99 22.58
C GLN A 164 -11.93 18.08 21.45
N GLN A 165 -11.98 18.62 20.24
CA GLN A 165 -12.53 17.87 19.08
C GLN A 165 -11.60 16.71 18.79
N MET A 166 -10.29 16.97 18.80
CA MET A 166 -9.25 15.96 18.45
C MET A 166 -9.24 14.82 19.47
N CYS A 167 -9.47 15.09 20.75
CA CYS A 167 -9.54 14.04 21.79
C CYS A 167 -10.80 13.16 21.62
N THR A 168 -11.92 13.76 21.21
CA THR A 168 -13.19 13.04 20.93
C THR A 168 -12.98 12.15 19.70
N ALA A 169 -12.29 12.69 18.69
CA ALA A 169 -11.88 11.94 17.50
C ALA A 169 -11.04 10.72 17.92
N LEU A 170 -10.07 10.89 18.83
CA LEU A 170 -9.14 9.78 19.20
C LEU A 170 -9.90 8.78 20.05
N LEU A 171 -10.85 9.28 20.86
CA LEU A 171 -11.73 8.45 21.69
C LEU A 171 -12.57 7.55 20.78
N PHE A 172 -13.09 8.11 19.70
CA PHE A 172 -13.91 7.36 18.72
C PHE A 172 -13.05 6.28 18.03
N LEU A 173 -11.85 6.62 17.57
CA LEU A 173 -10.95 5.67 16.87
C LEU A 173 -10.50 4.55 17.82
N ALA A 174 -10.39 4.80 19.12
CA ALA A 174 -9.95 3.79 20.12
C ALA A 174 -11.11 2.87 20.51
N THR A 175 -12.33 3.10 20.01
CA THR A 175 -13.48 2.18 20.16
C THR A 175 -12.98 0.79 19.77
N PRO A 176 -13.07 -0.21 20.66
CA PRO A 176 -12.48 -1.54 20.41
C PRO A 176 -12.73 -2.15 19.01
N GLU A 177 -13.95 -2.03 18.47
CA GLU A 177 -14.35 -2.57 17.14
C GLU A 177 -13.47 -1.92 16.07
N LEU A 178 -13.14 -0.63 16.25
CA LEU A 178 -12.39 0.19 15.29
C LEU A 178 -10.90 -0.01 15.54
N SER A 179 -10.41 0.42 16.71
CA SER A 179 -9.00 0.31 17.12
C SER A 179 -8.10 0.88 16.02
N ILE A 180 -8.50 2.01 15.43
CA ILE A 180 -7.77 2.59 14.27
C ILE A 180 -6.67 3.54 14.77
N ILE A 181 -5.44 3.30 14.33
CA ILE A 181 -4.30 4.24 14.48
C ILE A 181 -4.20 5.00 13.16
N HIS A 182 -4.31 6.31 13.23
CA HIS A 182 -4.27 7.22 12.05
C HIS A 182 -2.87 7.17 11.43
N CYS A 183 -1.82 7.31 12.27
CA CYS A 183 -0.38 7.16 11.98
C CYS A 183 0.21 8.38 11.24
N ASP A 184 -0.58 9.39 10.84
CA ASP A 184 -0.01 10.56 10.11
C ASP A 184 -0.76 11.83 10.52
N LEU A 185 -1.00 11.96 11.82
CA LEU A 185 -1.61 13.18 12.38
C LEU A 185 -0.62 14.33 12.31
N LYS A 186 -1.07 15.44 11.72
CA LYS A 186 -0.29 16.69 11.56
C LYS A 186 -1.25 17.80 11.14
N PRO A 187 -0.86 19.09 11.28
CA PRO A 187 -1.74 20.20 10.92
C PRO A 187 -2.38 20.05 9.51
N GLU A 188 -1.62 19.50 8.58
CA GLU A 188 -2.00 19.38 7.15
C GLU A 188 -3.13 18.35 7.03
N ASN A 189 -3.28 17.41 7.98
CA ASN A 189 -4.33 16.36 7.88
C ASN A 189 -5.51 16.68 8.79
N ILE A 190 -5.55 17.86 9.40
CA ILE A 190 -6.71 18.33 10.20
C ILE A 190 -7.28 19.54 9.46
N LEU A 191 -8.50 19.43 8.92
CA LEU A 191 -9.14 20.47 8.09
C LEU A 191 -10.33 21.07 8.84
N LEU A 192 -10.56 22.36 8.69
CA LEU A 192 -11.82 23.03 9.11
C LEU A 192 -12.97 22.55 8.20
N CYS A 193 -14.16 22.41 8.78
CA CYS A 193 -15.43 22.13 8.06
C CYS A 193 -15.71 23.27 7.08
N ASN A 194 -15.55 24.48 7.57
CA ASN A 194 -15.81 25.74 6.82
C ASN A 194 -14.94 26.83 7.42
N PRO A 195 -14.77 27.96 6.71
CA PRO A 195 -13.85 29.01 7.12
C PRO A 195 -14.41 29.91 8.22
N LYS A 196 -15.68 29.74 8.59
CA LYS A 196 -16.37 30.64 9.55
C LYS A 196 -16.37 30.02 10.95
N ARG A 197 -16.24 28.70 11.11
CA ARG A 197 -16.41 28.02 12.43
C ARG A 197 -15.10 27.33 12.85
N SER A 198 -15.07 26.89 14.11
CA SER A 198 -13.92 26.20 14.76
C SER A 198 -14.07 24.68 14.63
N ALA A 199 -15.17 24.16 14.06
CA ALA A 199 -15.36 22.71 13.81
C ALA A 199 -14.22 22.20 12.93
N ILE A 200 -13.66 21.05 13.27
CA ILE A 200 -12.60 20.39 12.45
C ILE A 200 -12.92 18.92 12.25
N LYS A 201 -12.20 18.29 11.31
CA LYS A 201 -12.29 16.87 10.96
C LYS A 201 -10.91 16.38 10.56
N ILE A 202 -10.67 15.10 10.79
CA ILE A 202 -9.42 14.40 10.37
C ILE A 202 -9.67 13.78 9.00
N VAL A 203 -8.70 13.89 8.12
CA VAL A 203 -8.73 13.26 6.77
C VAL A 203 -7.52 12.36 6.62
N ASP A 204 -7.56 11.56 5.57
CA ASP A 204 -6.43 10.75 5.05
C ASP A 204 -6.17 9.59 6.00
N PHE A 205 -6.85 8.47 5.75
CA PHE A 205 -6.69 7.20 6.50
C PHE A 205 -5.92 6.19 5.64
N GLY A 206 -5.15 6.71 4.68
CA GLY A 206 -4.32 5.90 3.78
C GLY A 206 -3.13 5.31 4.50
N SER A 207 -2.68 5.90 5.59
CA SER A 207 -1.49 5.42 6.33
C SER A 207 -1.95 4.61 7.55
N SER A 208 -3.25 4.45 7.68
CA SER A 208 -3.86 3.97 8.93
C SER A 208 -3.78 2.44 8.96
N CYS A 209 -3.94 1.88 10.16
CA CYS A 209 -4.04 0.43 10.38
C CYS A 209 -4.95 0.18 11.58
N GLN A 210 -5.38 -1.05 11.78
CA GLN A 210 -6.12 -1.47 12.99
C GLN A 210 -5.14 -2.17 13.91
N LEU A 211 -5.25 -1.95 15.22
CA LEU A 211 -4.37 -2.60 16.21
C LEU A 211 -4.48 -4.11 16.04
N GLY A 212 -3.34 -4.81 16.07
CA GLY A 212 -3.24 -6.26 15.81
C GLY A 212 -2.14 -6.54 14.80
N GLN A 213 -0.90 -6.49 15.29
CA GLN A 213 0.38 -6.48 14.51
C GLN A 213 1.54 -6.60 15.49
N ARG A 214 1.64 -5.61 16.39
CA ARG A 214 2.80 -5.39 17.29
C ARG A 214 4.08 -5.48 16.44
N ILE A 215 4.16 -4.69 15.37
CA ILE A 215 5.37 -4.61 14.49
C ILE A 215 5.79 -3.14 14.37
N TYR A 216 7.05 -2.89 14.01
CA TYR A 216 7.63 -1.55 13.78
C TYR A 216 7.63 -1.24 12.27
N GLN A 217 7.31 0.00 11.90
CA GLN A 217 7.52 0.55 10.53
C GLN A 217 8.02 2.00 10.68
N PTR A 218 8.69 2.51 9.66
CA PTR A 218 9.06 3.92 9.63
C PTR A 218 7.83 4.72 9.28
O PTR A 218 7.48 4.80 8.10
CB PTR A 218 10.14 4.11 8.58
CG PTR A 218 10.69 5.48 8.35
CD1 PTR A 218 10.49 6.11 7.13
CD2 PTR A 218 11.53 6.10 9.27
CE1 PTR A 218 11.06 7.35 6.85
CE2 PTR A 218 12.12 7.31 9.02
CZ PTR A 218 11.88 7.93 7.80
OH PTR A 218 12.54 9.12 7.53
P PTR A 218 12.03 10.57 7.76
O1P PTR A 218 12.67 11.41 6.70
O2P PTR A 218 10.51 10.56 7.64
O3P PTR A 218 12.49 10.94 9.14
N ILE A 219 7.13 5.26 10.29
CA ILE A 219 5.81 5.84 10.06
C ILE A 219 5.73 7.16 10.83
N GLN A 220 4.65 7.91 10.62
CA GLN A 220 4.36 9.29 11.10
C GLN A 220 5.30 10.27 10.37
N SER A 221 4.90 11.53 10.25
CA SER A 221 5.79 12.60 9.78
C SER A 221 6.77 12.87 10.90
N ARG A 222 8.03 13.17 10.56
CA ARG A 222 9.15 13.26 11.54
C ARG A 222 8.81 14.19 12.70
N PHE A 223 8.19 15.37 12.48
CA PHE A 223 8.01 16.38 13.55
C PHE A 223 7.02 15.88 14.60
N TYR A 224 6.21 14.88 14.26
CA TYR A 224 5.05 14.41 15.08
C TYR A 224 5.24 12.93 15.40
N ARG A 225 6.43 12.39 15.11
CA ARG A 225 6.74 10.95 15.29
C ARG A 225 7.06 10.71 16.77
N SER A 226 6.43 9.69 17.32
CA SER A 226 6.51 9.31 18.75
C SER A 226 7.89 8.71 19.04
N PRO A 227 8.36 8.82 20.30
CA PRO A 227 9.62 8.25 20.73
C PRO A 227 9.67 6.73 20.45
N GLU A 228 8.57 6.00 20.63
CA GLU A 228 8.57 4.52 20.39
C GLU A 228 8.86 4.21 18.91
N VAL A 229 8.29 4.96 17.96
CA VAL A 229 8.56 4.77 16.50
C VAL A 229 10.00 5.19 16.18
N LEU A 230 10.51 6.25 16.77
CA LEU A 230 11.94 6.62 16.61
C LEU A 230 12.84 5.48 17.06
N LEU A 231 12.45 4.82 18.16
CA LEU A 231 13.29 3.84 18.89
C LEU A 231 13.15 2.46 18.26
N GLY A 232 12.33 2.32 17.22
CA GLY A 232 12.19 1.04 16.51
C GLY A 232 11.30 0.08 17.27
N MET A 233 10.48 0.59 18.19
CA MET A 233 9.64 -0.26 19.06
C MET A 233 8.29 -0.49 18.40
N PRO A 234 7.52 -1.52 18.84
CA PRO A 234 6.15 -1.69 18.38
C PRO A 234 5.29 -0.53 18.92
N TYR A 235 4.20 -0.20 18.20
CA TYR A 235 3.38 1.00 18.43
C TYR A 235 1.92 0.59 18.55
N ASP A 236 1.11 1.41 19.20
CA ASP A 236 -0.36 1.22 19.31
C ASP A 236 -1.01 2.60 19.10
N LEU A 237 -2.18 2.84 19.68
CA LEU A 237 -3.00 4.04 19.36
C LEU A 237 -2.39 5.28 20.02
N ALA A 238 -1.49 5.06 20.98
CA ALA A 238 -0.84 6.11 21.80
C ALA A 238 0.00 7.02 20.90
N ILE A 239 0.38 6.57 19.70
CA ILE A 239 1.28 7.40 18.86
C ILE A 239 0.51 8.62 18.36
N ASP A 240 -0.81 8.49 18.15
CA ASP A 240 -1.66 9.61 17.64
C ASP A 240 -1.79 10.68 18.73
N MET A 241 -1.75 10.28 20.00
CA MET A 241 -1.84 11.20 21.18
C MET A 241 -0.51 11.96 21.33
N TRP A 242 0.63 11.30 21.09
CA TRP A 242 1.94 11.99 20.96
C TRP A 242 1.83 13.10 19.90
N SER A 243 1.38 12.74 18.70
CA SER A 243 1.25 13.68 17.56
C SER A 243 0.36 14.85 18.00
N LEU A 244 -0.71 14.56 18.72
CA LEU A 244 -1.70 15.60 19.10
C LEU A 244 -1.06 16.62 20.05
N GLY A 245 -0.28 16.19 21.04
CA GLY A 245 0.43 17.10 21.97
C GLY A 245 1.35 18.06 21.24
N CYS A 246 2.08 17.55 20.25
CA CYS A 246 2.99 18.33 19.37
C CYS A 246 2.17 19.33 18.57
N ILE A 247 1.04 18.88 17.99
CA ILE A 247 0.17 19.73 17.12
C ILE A 247 -0.40 20.88 17.97
N LEU A 248 -0.83 20.61 19.19
CA LEU A 248 -1.54 21.61 20.01
C LEU A 248 -0.58 22.71 20.45
N VAL A 249 0.65 22.37 20.82
CA VAL A 249 1.66 23.39 21.23
C VAL A 249 1.97 24.25 20.00
N GLU A 250 2.10 23.65 18.82
CA GLU A 250 2.34 24.35 17.53
C GLU A 250 1.15 25.27 17.22
N MET A 251 -0.09 24.83 17.40
CA MET A 251 -1.29 25.64 17.07
C MET A 251 -1.27 26.97 17.83
N HIS A 252 -0.83 26.96 19.10
CA HIS A 252 -0.75 28.16 19.98
C HIS A 252 0.50 29.01 19.70
N THR A 253 1.69 28.41 19.53
CA THR A 253 2.99 29.13 19.42
C THR A 253 3.28 29.53 17.97
N GLY A 254 2.70 28.83 17.01
CA GLY A 254 2.93 29.07 15.58
C GLY A 254 4.01 28.17 14.98
N GLU A 255 4.82 27.49 15.80
CA GLU A 255 5.98 26.69 15.29
C GLU A 255 5.89 25.24 15.76
N PRO A 256 6.37 24.30 14.93
CA PRO A 256 6.54 22.90 15.34
C PRO A 256 7.29 22.84 16.68
N LEU A 257 6.83 22.03 17.62
CA LEU A 257 7.52 21.84 18.92
C LEU A 257 8.92 21.23 18.69
N PHE A 258 9.00 20.19 17.84
CA PHE A 258 10.21 19.36 17.60
C PHE A 258 10.47 19.28 16.09
N SER A 259 11.17 20.27 15.53
CA SER A 259 11.38 20.40 14.07
C SER A 259 12.75 19.81 13.71
N GLY A 260 12.89 18.49 13.81
CA GLY A 260 14.15 17.77 13.55
C GLY A 260 14.51 17.71 12.07
N ALA A 261 15.78 17.89 11.74
CA ALA A 261 16.38 17.74 10.40
C ALA A 261 16.51 16.25 10.06
N ASN A 262 16.47 15.39 11.07
CA ASN A 262 16.61 13.94 10.88
C ASN A 262 16.19 13.29 12.19
N GLU A 263 16.25 11.96 12.29
CA GLU A 263 15.75 11.20 13.45
C GLU A 263 16.60 11.53 14.69
N VAL A 264 17.92 11.66 14.51
CA VAL A 264 18.89 12.00 15.59
C VAL A 264 18.56 13.42 16.08
N ASP A 265 18.47 14.38 15.16
CA ASP A 265 18.09 15.75 15.52
C ASP A 265 16.72 15.74 16.20
N GLN A 266 15.78 14.90 15.72
CA GLN A 266 14.39 14.81 16.23
C GLN A 266 14.39 14.33 17.69
N MET A 267 15.05 13.22 17.98
CA MET A 267 15.19 12.70 19.37
C MET A 267 15.89 13.73 20.24
N ASN A 268 16.96 14.33 19.72
CA ASN A 268 17.79 15.31 20.45
C ASN A 268 16.90 16.49 20.86
N LYS A 269 16.05 16.99 19.96
CA LYS A 269 15.13 18.12 20.25
C LYS A 269 14.06 17.71 21.26
N ILE A 270 13.57 16.46 21.21
CA ILE A 270 12.61 15.92 22.23
C ILE A 270 13.32 15.87 23.59
N VAL A 271 14.59 15.46 23.62
CA VAL A 271 15.31 15.27 24.91
C VAL A 271 15.62 16.64 25.52
N GLU A 272 15.76 17.69 24.72
CA GLU A 272 15.98 19.07 25.23
C GLU A 272 14.84 19.49 26.15
N VAL A 273 13.63 19.06 25.83
CA VAL A 273 12.38 19.52 26.50
C VAL A 273 12.03 18.52 27.58
N LEU A 274 12.05 17.23 27.27
CA LEU A 274 11.51 16.15 28.13
C LEU A 274 12.61 15.40 28.88
N GLY A 275 13.88 15.66 28.61
CA GLY A 275 14.97 14.93 29.29
C GLY A 275 15.17 13.55 28.72
N ILE A 276 15.96 12.72 29.40
CA ILE A 276 16.30 11.33 28.98
C ILE A 276 15.07 10.45 29.17
N PRO A 277 14.70 9.61 28.20
CA PRO A 277 13.60 8.67 28.38
C PRO A 277 13.94 7.68 29.49
N PRO A 278 12.94 7.13 30.23
CA PRO A 278 13.20 6.11 31.23
C PRO A 278 13.97 4.90 30.66
N ALA A 279 14.94 4.45 31.44
CA ALA A 279 15.81 3.29 31.17
C ALA A 279 15.00 2.04 30.83
N HIS A 280 13.79 1.86 31.38
CA HIS A 280 12.98 0.62 31.14
C HIS A 280 12.49 0.64 29.68
N ILE A 281 12.34 1.83 29.09
CA ILE A 281 12.02 1.98 27.65
C ILE A 281 13.28 1.67 26.84
N LEU A 282 14.39 2.36 27.15
CA LEU A 282 15.65 2.32 26.36
C LEU A 282 16.24 0.92 26.36
N ASP A 283 15.98 0.14 27.42
CA ASP A 283 16.51 -1.23 27.60
C ASP A 283 15.82 -2.16 26.60
N GLN A 284 14.58 -1.88 26.21
CA GLN A 284 13.82 -2.72 25.24
C GLN A 284 14.02 -2.23 23.80
N ALA A 285 14.53 -1.01 23.57
CA ALA A 285 14.44 -0.28 22.29
C ALA A 285 15.51 -0.71 21.30
N PRO A 286 15.16 -1.37 20.17
CA PRO A 286 16.14 -1.74 19.14
C PRO A 286 17.04 -0.61 18.63
N LYS A 287 16.55 0.64 18.55
CA LYS A 287 17.35 1.78 18.02
C LYS A 287 17.82 2.69 19.16
N ALA A 288 17.79 2.23 20.42
CA ALA A 288 18.25 3.02 21.58
C ALA A 288 19.66 3.53 21.34
N ARG A 289 20.57 2.67 20.84
CA ARG A 289 22.02 2.99 20.69
C ARG A 289 22.27 3.91 19.49
N LYS A 290 21.28 4.21 18.67
CA LYS A 290 21.44 5.22 17.60
C LYS A 290 21.49 6.63 18.20
N PHE A 291 20.85 6.83 19.37
CA PHE A 291 20.65 8.17 20.00
C PHE A 291 21.30 8.24 21.38
N PHE A 292 21.40 7.13 22.11
CA PHE A 292 21.88 7.11 23.52
C PHE A 292 23.03 6.11 23.70
N GLU A 293 23.80 6.32 24.77
CA GLU A 293 24.89 5.41 25.23
C GLU A 293 24.46 4.87 26.59
N LYS A 294 24.63 3.57 26.81
CA LYS A 294 24.43 2.98 28.15
C LYS A 294 25.75 3.07 28.93
N LEU A 295 25.74 3.70 30.10
CA LEU A 295 26.97 3.95 30.90
C LEU A 295 27.22 2.75 31.81
N PRO A 296 28.45 2.61 32.35
CA PRO A 296 28.80 1.50 33.24
C PRO A 296 27.78 1.14 34.35
N ASP A 297 27.17 2.14 34.98
CA ASP A 297 26.19 1.95 36.09
C ASP A 297 24.79 1.65 35.55
N GLY A 298 24.63 1.43 34.24
CA GLY A 298 23.34 1.09 33.62
C GLY A 298 22.42 2.28 33.40
N THR A 299 22.88 3.52 33.65
CA THR A 299 22.12 4.73 33.27
C THR A 299 22.41 5.03 31.80
N TRP A 300 21.53 5.83 31.18
CA TRP A 300 21.58 6.18 29.74
C TRP A 300 21.85 7.68 29.62
N ASN A 301 22.63 8.11 28.63
CA ASN A 301 22.75 9.55 28.29
C ASN A 301 22.86 9.65 26.75
N LEU A 302 22.64 10.86 26.22
CA LEU A 302 22.80 11.17 24.78
C LEU A 302 24.17 10.68 24.31
N LYS A 303 24.25 10.22 23.05
CA LYS A 303 25.52 10.00 22.30
C LYS A 303 26.19 11.34 21.98
N LYS A 304 27.54 11.33 21.92
CA LYS A 304 28.47 12.46 21.62
C LYS A 304 27.78 13.58 20.83
N GLU A 311 25.82 23.16 19.93
CA GLU A 311 25.09 22.14 19.13
C GLU A 311 23.64 22.01 19.68
N TYR A 312 23.42 21.35 20.83
CA TYR A 312 22.09 21.20 21.50
C TYR A 312 22.18 21.59 22.97
N LYS A 313 21.06 22.08 23.56
CA LYS A 313 20.94 22.39 25.01
C LYS A 313 20.93 21.09 25.80
N PRO A 314 21.41 21.12 27.07
CA PRO A 314 21.43 19.90 27.88
C PRO A 314 20.02 19.34 28.05
N PRO A 315 19.85 18.01 28.29
CA PRO A 315 18.53 17.41 28.48
C PRO A 315 17.64 18.15 29.50
N GLY A 316 16.37 18.37 29.14
CA GLY A 316 15.34 18.98 30.01
C GLY A 316 15.56 20.45 30.27
N THR A 317 16.43 21.10 29.49
CA THR A 317 16.81 22.52 29.64
C THR A 317 15.77 23.44 29.00
N ARG A 318 15.06 22.95 27.96
CA ARG A 318 14.07 23.77 27.22
C ARG A 318 12.69 23.44 27.78
N LYS A 319 12.39 23.97 28.96
CA LYS A 319 11.11 23.69 29.65
C LYS A 319 9.97 24.16 28.76
N LEU A 320 8.94 23.34 28.66
CA LEU A 320 7.66 23.70 28.03
C LEU A 320 7.10 24.94 28.77
N HIS A 321 7.43 25.08 30.05
CA HIS A 321 7.02 26.21 30.92
C HIS A 321 7.42 27.53 30.25
N ASN A 322 8.63 27.56 29.71
CA ASN A 322 9.24 28.72 29.01
C ASN A 322 8.76 28.79 27.55
N ILE A 323 8.68 27.67 26.85
CA ILE A 323 8.18 27.65 25.44
C ILE A 323 6.80 28.28 25.37
N LEU A 324 5.89 27.96 26.31
CA LEU A 324 4.49 28.45 26.32
C LEU A 324 4.41 29.87 26.90
N GLY A 325 5.42 30.34 27.65
CA GLY A 325 5.41 31.65 28.30
C GLY A 325 4.34 31.75 29.39
N VAL A 326 4.28 30.72 30.22
CA VAL A 326 3.25 30.53 31.30
C VAL A 326 3.17 31.78 32.17
N GLU A 327 4.32 32.24 32.67
CA GLU A 327 4.45 33.36 33.65
C GLU A 327 4.80 34.66 32.92
N THR A 328 4.85 34.69 31.58
CA THR A 328 5.45 35.81 30.80
C THR A 328 4.57 36.22 29.62
N GLY A 329 3.24 36.09 29.73
CA GLY A 329 2.26 36.52 28.70
C GLY A 329 2.22 35.62 27.48
N GLY A 330 2.49 34.32 27.65
CA GLY A 330 2.36 33.34 26.56
C GLY A 330 3.55 33.40 25.60
N PRO A 331 3.40 32.77 24.40
CA PRO A 331 4.47 32.69 23.42
C PRO A 331 4.86 34.10 22.91
N GLY A 332 6.17 34.36 22.96
CA GLY A 332 6.82 35.68 22.78
C GLY A 332 6.10 36.80 23.52
N GLY A 333 5.39 36.48 24.62
CA GLY A 333 4.67 37.45 25.48
C GLY A 333 3.55 38.18 24.74
N ARG A 334 3.05 37.64 23.63
CA ARG A 334 2.04 38.27 22.74
C ARG A 334 0.63 38.13 23.31
N ARG A 335 0.45 37.43 24.43
CA ARG A 335 -0.89 37.19 25.03
C ARG A 335 -0.98 37.90 26.39
N ALA A 336 -0.02 38.80 26.67
CA ALA A 336 0.11 39.57 27.92
C ALA A 336 -1.21 40.32 28.19
N GLY A 337 -1.87 40.01 29.30
CA GLY A 337 -3.21 40.54 29.65
C GLY A 337 -4.15 40.42 28.47
N GLU A 338 -4.51 39.19 28.10
CA GLU A 338 -5.55 38.83 27.10
C GLU A 338 -6.51 37.88 27.80
N SER A 339 -7.81 37.95 27.54
CA SER A 339 -8.82 37.12 28.26
C SER A 339 -8.53 35.64 27.93
N GLY A 340 -8.57 34.78 28.94
CA GLY A 340 -8.41 33.32 28.81
C GLY A 340 -6.95 32.89 28.67
N HIS A 341 -5.99 33.73 29.05
CA HIS A 341 -4.53 33.43 28.98
C HIS A 341 -3.87 33.74 30.33
N THR A 342 -4.53 33.37 31.43
CA THR A 342 -4.02 33.54 32.82
C THR A 342 -2.88 32.53 33.06
N VAL A 343 -2.07 32.75 34.09
CA VAL A 343 -0.99 31.79 34.44
C VAL A 343 -1.63 30.42 34.69
N ALA A 344 -2.79 30.38 35.36
CA ALA A 344 -3.44 29.11 35.75
C ALA A 344 -4.02 28.40 34.52
N ASP A 345 -4.42 29.14 33.47
CA ASP A 345 -4.85 28.57 32.17
C ASP A 345 -3.66 27.87 31.50
N TYR A 346 -2.50 28.53 31.49
CA TYR A 346 -1.26 28.02 30.88
C TYR A 346 -0.77 26.79 31.66
N LEU A 347 -0.94 26.81 32.96
CA LEU A 347 -0.53 25.69 33.83
C LEU A 347 -1.36 24.45 33.51
N LYS A 348 -2.67 24.60 33.33
CA LYS A 348 -3.58 23.47 32.99
C LYS A 348 -3.18 22.92 31.62
N PHE A 349 -2.91 23.80 30.65
CA PHE A 349 -2.50 23.44 29.28
C PHE A 349 -1.18 22.67 29.32
N LYS A 350 -0.20 23.27 29.99
CA LYS A 350 1.15 22.66 30.18
C LYS A 350 0.97 21.26 30.75
N ASP A 351 0.07 21.10 31.74
CA ASP A 351 -0.17 19.78 32.40
C ASP A 351 -0.72 18.75 31.39
N LEU A 352 -1.74 19.11 30.62
CA LEU A 352 -2.34 18.25 29.57
C LEU A 352 -1.23 17.80 28.60
N ILE A 353 -0.45 18.74 28.05
CA ILE A 353 0.55 18.46 26.99
C ILE A 353 1.63 17.52 27.54
N LEU A 354 2.16 17.77 28.74
CA LEU A 354 3.21 16.92 29.36
C LEU A 354 2.69 15.49 29.52
N ARG A 355 1.39 15.30 29.75
CA ARG A 355 0.74 13.97 29.88
C ARG A 355 0.52 13.34 28.49
N MET A 356 0.19 14.15 27.46
CA MET A 356 0.21 13.70 26.03
C MET A 356 1.65 13.39 25.58
N LEU A 357 2.68 14.09 26.06
CA LEU A 357 4.08 13.85 25.62
C LEU A 357 4.80 12.94 26.62
N ASP A 358 4.09 12.05 27.29
CA ASP A 358 4.70 10.97 28.12
C ASP A 358 5.56 10.06 27.20
N TYR A 359 6.83 9.83 27.55
CA TYR A 359 7.74 8.89 26.84
C TYR A 359 7.21 7.45 26.87
N ASP A 360 6.43 7.10 27.90
CA ASP A 360 5.87 5.74 28.09
C ASP A 360 4.50 5.63 27.42
N PRO A 361 4.33 4.80 26.36
CA PRO A 361 3.03 4.62 25.70
C PRO A 361 1.94 4.00 26.59
N LYS A 362 2.35 3.18 27.58
CA LYS A 362 1.47 2.57 28.61
C LYS A 362 0.79 3.66 29.45
N THR A 363 1.52 4.69 29.92
CA THR A 363 0.98 5.74 30.84
C THR A 363 0.65 7.05 30.13
N ARG A 364 0.94 7.16 28.83
CA ARG A 364 0.54 8.34 28.02
C ARG A 364 -0.98 8.45 28.17
N ILE A 365 -1.48 9.64 28.54
CA ILE A 365 -2.93 9.89 28.80
C ILE A 365 -3.76 9.34 27.63
N GLN A 366 -4.88 8.70 27.94
CA GLN A 366 -5.84 8.17 26.94
C GLN A 366 -6.91 9.23 26.71
N PRO A 367 -7.57 9.23 25.52
CA PRO A 367 -8.49 10.32 25.15
C PRO A 367 -9.56 10.69 26.19
N TYR A 368 -10.20 9.69 26.80
CA TYR A 368 -11.29 9.94 27.77
C TYR A 368 -10.75 10.84 28.89
N TYR A 369 -9.62 10.46 29.47
CA TYR A 369 -9.02 11.19 30.62
C TYR A 369 -8.51 12.58 30.19
N ALA A 370 -7.95 12.70 28.98
CA ALA A 370 -7.60 14.00 28.36
C ALA A 370 -8.83 14.90 28.36
N LEU A 371 -10.00 14.36 28.00
CA LEU A 371 -11.25 15.15 27.93
C LEU A 371 -11.74 15.55 29.33
N GLN A 372 -11.36 14.83 30.40
CA GLN A 372 -11.73 15.19 31.79
C GLN A 372 -10.72 16.18 32.40
N HIS A 373 -9.65 16.52 31.68
CA HIS A 373 -8.59 17.41 32.20
C HIS A 373 -9.16 18.80 32.52
N SER A 374 -8.67 19.43 33.58
CA SER A 374 -9.20 20.72 34.07
C SER A 374 -9.00 21.80 33.00
N PHE A 375 -8.11 21.56 32.04
CA PHE A 375 -7.91 22.46 30.88
C PHE A 375 -9.25 22.66 30.13
N PHE A 376 -10.14 21.67 30.10
CA PHE A 376 -11.43 21.77 29.36
C PHE A 376 -12.62 22.11 30.28
N LYS A 377 -12.40 22.31 31.58
CA LYS A 377 -13.43 22.82 32.53
C LYS A 377 -13.42 24.36 32.44
N LYS A 378 -14.11 24.93 31.44
CA LYS A 378 -14.07 26.38 31.11
C LYS A 378 -15.38 27.04 31.55
N LYS B 31 16.06 19.89 2.24
CA LYS B 31 15.23 18.75 2.71
C LYS B 31 16.06 17.46 2.63
N VAL B 32 16.21 16.78 3.77
CA VAL B 32 16.87 15.45 3.91
C VAL B 32 15.76 14.41 4.15
N TYR B 33 15.94 13.18 3.66
CA TYR B 33 15.02 12.03 3.86
C TYR B 33 15.77 10.85 4.51
N ASN B 34 15.13 10.28 5.53
CA ASN B 34 15.66 9.13 6.31
C ASN B 34 17.14 9.37 6.60
N ASP B 35 17.47 10.48 7.27
CA ASP B 35 18.86 10.81 7.71
C ASP B 35 19.81 10.91 6.50
N GLY B 36 19.31 11.11 5.28
CA GLY B 36 20.18 11.25 4.09
C GLY B 36 20.45 9.93 3.38
N TYR B 37 19.82 8.83 3.81
CA TYR B 37 19.91 7.49 3.17
C TYR B 37 18.83 7.35 2.10
N ASP B 38 17.86 8.28 2.00
CA ASP B 38 16.68 8.13 1.11
C ASP B 38 16.63 9.29 0.09
N ASP B 39 16.06 9.03 -1.08
CA ASP B 39 15.74 10.07 -2.08
C ASP B 39 14.39 10.66 -1.69
N ASP B 40 13.83 11.54 -2.51
CA ASP B 40 12.54 12.20 -2.22
C ASP B 40 11.38 11.20 -2.36
N ASN B 41 11.61 9.98 -2.87
CA ASN B 41 10.56 8.94 -3.05
C ASN B 41 10.62 7.92 -1.92
N TYR B 42 11.50 8.14 -0.93
CA TYR B 42 11.72 7.24 0.24
C TYR B 42 12.18 5.87 -0.27
N ASP B 43 12.94 5.91 -1.35
CA ASP B 43 13.78 4.80 -1.84
C ASP B 43 15.17 4.99 -1.24
N TYR B 44 15.81 3.90 -0.83
CA TYR B 44 17.20 3.90 -0.30
C TYR B 44 18.17 4.34 -1.39
N ILE B 45 19.09 5.25 -1.07
CA ILE B 45 20.14 5.64 -2.05
C ILE B 45 21.16 4.51 -2.06
N VAL B 46 21.09 3.63 -3.06
CA VAL B 46 22.05 2.50 -3.19
C VAL B 46 23.42 3.09 -3.54
N LYS B 47 24.42 2.74 -2.73
CA LYS B 47 25.85 3.07 -2.92
C LYS B 47 26.63 1.77 -3.17
N ASN B 48 27.26 1.68 -4.33
CA ASN B 48 28.00 0.46 -4.77
C ASN B 48 29.21 0.26 -3.84
N GLY B 49 29.43 -0.98 -3.40
CA GLY B 49 30.60 -1.36 -2.61
C GLY B 49 30.41 -1.13 -1.13
N GLU B 50 29.27 -0.57 -0.74
CA GLU B 50 28.91 -0.28 0.67
C GLU B 50 28.72 -1.63 1.36
N LYS B 51 29.07 -1.73 2.64
CA LYS B 51 28.98 -2.98 3.42
C LYS B 51 27.92 -2.80 4.52
N TRP B 52 27.03 -3.78 4.74
CA TRP B 52 25.93 -3.78 5.75
C TRP B 52 26.23 -4.78 6.86
N MET B 53 26.20 -4.36 8.13
CA MET B 53 26.22 -5.26 9.31
C MET B 53 27.46 -6.17 9.27
N ASP B 54 28.53 -5.72 8.60
CA ASP B 54 29.77 -6.50 8.37
C ASP B 54 29.42 -7.90 7.88
N ARG B 55 28.48 -7.97 6.93
CA ARG B 55 27.97 -9.24 6.34
C ARG B 55 27.64 -9.08 4.84
N TYR B 56 26.96 -8.02 4.44
CA TYR B 56 26.50 -7.91 3.03
C TYR B 56 27.30 -6.83 2.35
N GLU B 57 28.03 -7.19 1.30
CA GLU B 57 28.70 -6.21 0.41
C GLU B 57 27.74 -5.94 -0.74
N ILE B 58 27.21 -4.72 -0.85
CA ILE B 58 26.31 -4.35 -1.97
C ILE B 58 27.19 -4.25 -3.21
N ASP B 59 26.84 -5.00 -4.24
CA ASP B 59 27.53 -4.95 -5.55
C ASP B 59 26.89 -3.86 -6.42
N SER B 60 25.62 -4.00 -6.78
CA SER B 60 24.92 -3.10 -7.74
C SER B 60 23.39 -3.29 -7.68
N LEU B 61 22.65 -2.39 -8.32
CA LEU B 61 21.18 -2.40 -8.41
C LEU B 61 20.77 -3.33 -9.55
N ILE B 62 20.03 -4.38 -9.27
CA ILE B 62 19.50 -5.27 -10.34
C ILE B 62 18.30 -4.58 -10.96
N GLY B 63 17.23 -4.45 -10.17
CA GLY B 63 15.93 -3.94 -10.60
C GLY B 63 15.42 -2.88 -9.64
N LYS B 64 14.49 -2.08 -10.14
CA LYS B 64 13.75 -1.04 -9.39
C LYS B 64 12.29 -1.15 -9.83
N GLY B 65 11.36 -1.26 -8.88
CA GLY B 65 9.90 -1.22 -9.14
C GLY B 65 9.25 -0.10 -8.35
N SER B 66 7.92 -0.03 -8.39
CA SER B 66 7.09 0.85 -7.50
C SER B 66 7.43 0.56 -6.03
N PHE B 67 7.57 -0.73 -5.69
CA PHE B 67 7.77 -1.27 -4.31
C PHE B 67 9.09 -0.87 -3.68
N GLY B 68 10.07 -0.48 -4.49
CA GLY B 68 11.42 -0.15 -4.00
C GLY B 68 12.46 -0.71 -4.94
N GLN B 69 13.52 -1.29 -4.37
CA GLN B 69 14.72 -1.72 -5.13
C GLN B 69 15.07 -3.18 -4.82
N VAL B 70 15.71 -3.83 -5.79
CA VAL B 70 16.41 -5.13 -5.59
C VAL B 70 17.88 -4.91 -5.89
N VAL B 71 18.75 -5.19 -4.92
CA VAL B 71 20.22 -5.12 -5.13
C VAL B 71 20.77 -6.55 -5.12
N LYS B 72 21.80 -6.78 -5.92
CA LYS B 72 22.73 -7.95 -5.82
C LYS B 72 23.76 -7.64 -4.72
N ALA B 73 23.86 -8.51 -3.71
CA ALA B 73 24.81 -8.37 -2.59
C ALA B 73 25.58 -9.68 -2.42
N TYR B 74 26.82 -9.59 -1.98
CA TYR B 74 27.61 -10.77 -1.56
C TYR B 74 27.45 -10.93 -0.06
N ASP B 75 26.93 -12.08 0.34
CA ASP B 75 26.81 -12.53 1.74
C ASP B 75 28.16 -13.16 2.15
N ARG B 76 28.98 -12.43 2.91
CA ARG B 76 30.33 -12.85 3.36
C ARG B 76 30.21 -14.11 4.22
N VAL B 77 29.10 -14.26 4.96
CA VAL B 77 28.89 -15.38 5.94
C VAL B 77 28.54 -16.67 5.21
N GLU B 78 27.60 -16.66 4.26
CA GLU B 78 27.20 -17.87 3.49
C GLU B 78 28.06 -17.95 2.21
N GLN B 79 28.89 -16.94 1.96
CA GLN B 79 29.81 -16.91 0.79
C GLN B 79 28.99 -17.16 -0.49
N GLU B 80 27.96 -16.34 -0.73
CA GLU B 80 27.09 -16.46 -1.91
C GLU B 80 26.44 -15.12 -2.24
N TRP B 81 26.07 -14.95 -3.50
CA TRP B 81 25.22 -13.83 -3.99
C TRP B 81 23.77 -14.03 -3.51
N VAL B 82 23.16 -12.95 -3.03
CA VAL B 82 21.74 -12.90 -2.63
C VAL B 82 21.10 -11.70 -3.34
N ALA B 83 19.78 -11.75 -3.54
CA ALA B 83 18.98 -10.60 -4.03
C ALA B 83 18.32 -9.95 -2.80
N ILE B 84 18.65 -8.71 -2.48
CA ILE B 84 18.00 -8.02 -1.32
C ILE B 84 16.97 -7.03 -1.85
N LYS B 85 15.70 -7.31 -1.53
CA LYS B 85 14.55 -6.41 -1.85
C LYS B 85 14.48 -5.34 -0.75
N ILE B 86 14.81 -4.11 -1.12
CA ILE B 86 14.78 -2.92 -0.21
C ILE B 86 13.47 -2.18 -0.44
N ILE B 87 12.55 -2.28 0.52
CA ILE B 87 11.16 -1.77 0.40
C ILE B 87 11.16 -0.26 0.54
N LYS B 88 10.49 0.43 -0.38
CA LYS B 88 10.26 1.89 -0.36
C LYS B 88 9.54 2.27 0.94
N ASN B 89 9.95 3.36 1.61
CA ASN B 89 9.39 3.81 2.93
C ASN B 89 8.11 4.63 2.77
N LYS B 90 7.11 4.09 2.04
CA LYS B 90 5.73 4.61 2.01
C LYS B 90 4.79 3.47 2.39
N LYS B 91 3.79 3.77 3.22
CA LYS B 91 2.93 2.75 3.89
C LYS B 91 2.34 1.78 2.85
N ALA B 92 2.01 2.26 1.65
CA ALA B 92 1.39 1.45 0.57
C ALA B 92 2.30 0.27 0.23
N PHE B 93 3.62 0.47 0.23
CA PHE B 93 4.59 -0.58 -0.17
C PHE B 93 4.95 -1.44 1.05
N LEU B 94 4.96 -0.85 2.23
CA LEU B 94 5.24 -1.56 3.51
C LEU B 94 4.14 -2.57 3.77
N ASN B 95 2.90 -2.23 3.42
CA ASN B 95 1.73 -3.10 3.66
C ASN B 95 1.91 -4.38 2.86
N GLN B 96 2.22 -4.23 1.58
CA GLN B 96 2.47 -5.36 0.65
C GLN B 96 3.64 -6.18 1.17
N ALA B 97 4.71 -5.53 1.60
CA ALA B 97 5.95 -6.20 2.05
C ALA B 97 5.66 -7.00 3.33
N GLN B 98 4.81 -6.50 4.23
CA GLN B 98 4.42 -7.21 5.49
C GLN B 98 3.73 -8.52 5.12
N ILE B 99 2.85 -8.48 4.12
CA ILE B 99 2.06 -9.65 3.64
C ILE B 99 3.05 -10.65 2.99
N GLU B 100 4.01 -10.14 2.23
CA GLU B 100 4.99 -10.98 1.49
C GLU B 100 5.82 -11.76 2.51
N VAL B 101 6.28 -11.09 3.56
CA VAL B 101 7.16 -11.71 4.59
C VAL B 101 6.38 -12.82 5.31
N ARG B 102 5.13 -12.55 5.67
CA ARG B 102 4.29 -13.52 6.43
C ARG B 102 4.09 -14.77 5.58
N LEU B 103 3.66 -14.62 4.32
CA LEU B 103 3.32 -15.76 3.44
C LEU B 103 4.56 -16.56 3.09
N LEU B 104 5.70 -15.92 2.82
CA LEU B 104 6.95 -16.66 2.51
C LEU B 104 7.49 -17.35 3.77
N GLU B 105 7.34 -16.77 4.97
CA GLU B 105 7.74 -17.46 6.23
C GLU B 105 6.82 -18.68 6.43
N LEU B 106 5.55 -18.55 6.07
CA LEU B 106 4.56 -19.66 6.14
C LEU B 106 4.97 -20.78 5.16
N MET B 107 5.42 -20.47 3.96
CA MET B 107 5.89 -21.53 3.03
C MET B 107 7.16 -22.22 3.58
N ASN B 108 8.00 -21.50 4.33
CA ASN B 108 9.28 -22.04 4.86
C ASN B 108 9.01 -23.14 5.90
N LYS B 109 7.86 -23.16 6.55
CA LYS B 109 7.51 -24.22 7.55
C LYS B 109 7.41 -25.61 6.89
N HIS B 110 6.97 -25.72 5.63
CA HIS B 110 6.83 -27.01 4.91
C HIS B 110 8.17 -27.38 4.27
N ASP B 111 8.47 -28.68 4.14
CA ASP B 111 9.74 -29.20 3.55
C ASP B 111 9.44 -30.12 2.37
N THR B 112 8.63 -29.66 1.41
CA THR B 112 8.34 -30.38 0.13
C THR B 112 9.44 -30.09 -0.89
N GLU B 113 9.50 -30.91 -1.95
CA GLU B 113 10.27 -30.65 -3.21
C GLU B 113 9.48 -29.68 -4.10
N MET B 114 8.16 -29.58 -3.87
CA MET B 114 7.14 -28.73 -4.57
C MET B 114 7.45 -27.23 -4.41
N LYS B 115 7.94 -26.81 -3.23
CA LYS B 115 8.21 -25.40 -2.83
C LYS B 115 9.51 -24.86 -3.45
N TYR B 116 10.20 -25.66 -4.28
CA TYR B 116 11.40 -25.24 -5.05
C TYR B 116 10.97 -24.35 -6.23
N TYR B 117 9.68 -24.29 -6.59
CA TYR B 117 9.18 -23.46 -7.73
C TYR B 117 8.68 -22.11 -7.24
N ILE B 118 8.89 -21.78 -5.95
CA ILE B 118 8.60 -20.45 -5.34
C ILE B 118 9.92 -19.91 -4.82
N VAL B 119 10.19 -18.61 -4.99
CA VAL B 119 11.46 -17.95 -4.57
C VAL B 119 11.61 -18.14 -3.08
N HIS B 120 12.85 -18.37 -2.62
CA HIS B 120 13.16 -18.70 -1.21
C HIS B 120 13.56 -17.41 -0.47
N LEU B 121 12.81 -17.06 0.57
CA LEU B 121 13.17 -15.94 1.48
C LEU B 121 14.10 -16.51 2.55
N LYS B 122 15.37 -16.11 2.50
CA LYS B 122 16.43 -16.64 3.40
C LYS B 122 16.20 -16.02 4.78
N ARG B 123 16.01 -14.70 4.84
CA ARG B 123 15.73 -13.96 6.08
C ARG B 123 15.20 -12.59 5.69
N HIS B 124 14.71 -11.85 6.68
CA HIS B 124 14.33 -10.43 6.53
C HIS B 124 14.84 -9.67 7.75
N PHE B 125 15.09 -8.37 7.61
CA PHE B 125 15.46 -7.48 8.72
C PHE B 125 15.18 -6.01 8.39
N MET B 126 15.16 -5.19 9.43
CA MET B 126 15.13 -3.71 9.35
C MET B 126 16.57 -3.22 9.32
N PHE B 127 16.94 -2.39 8.36
CA PHE B 127 18.28 -1.77 8.24
C PHE B 127 18.12 -0.34 7.72
N ARG B 128 18.72 0.63 8.40
CA ARG B 128 18.58 2.08 8.08
C ARG B 128 17.13 2.43 7.75
N ASN B 129 16.20 1.91 8.55
CA ASN B 129 14.75 2.18 8.57
C ASN B 129 14.05 1.60 7.33
N HIS B 130 14.70 0.69 6.58
CA HIS B 130 14.05 -0.05 5.45
C HIS B 130 13.76 -1.48 5.88
N LEU B 131 12.57 -2.00 5.63
CA LEU B 131 12.35 -3.47 5.65
C LEU B 131 13.13 -4.05 4.47
N CYS B 132 14.04 -4.98 4.73
CA CYS B 132 14.85 -5.65 3.70
C CYS B 132 14.55 -7.15 3.71
N LEU B 133 14.20 -7.71 2.54
CA LEU B 133 13.98 -9.16 2.35
C LEU B 133 15.22 -9.72 1.64
N VAL B 134 15.83 -10.76 2.18
CA VAL B 134 16.97 -11.42 1.50
C VAL B 134 16.47 -12.69 0.79
N PHE B 135 16.55 -12.69 -0.54
CA PHE B 135 16.12 -13.80 -1.43
C PHE B 135 17.35 -14.51 -2.01
N GLU B 136 17.14 -15.74 -2.48
CA GLU B 136 18.11 -16.42 -3.36
C GLU B 136 18.24 -15.57 -4.62
N MET B 137 19.44 -15.45 -5.15
CA MET B 137 19.73 -14.68 -6.39
C MET B 137 19.17 -15.43 -7.60
N LEU B 138 18.35 -14.78 -8.42
CA LEU B 138 17.78 -15.40 -9.63
C LEU B 138 18.25 -14.60 -10.86
N SER B 139 17.63 -14.80 -12.01
CA SER B 139 18.08 -14.22 -13.29
C SER B 139 16.94 -13.39 -13.91
N TYR B 140 16.90 -13.26 -15.25
CA TYR B 140 15.88 -12.47 -16.01
C TYR B 140 14.49 -13.04 -15.76
N ASN B 141 13.47 -12.21 -15.91
CA ASN B 141 12.06 -12.66 -15.82
C ASN B 141 11.57 -13.13 -17.20
N LEU B 142 10.38 -13.70 -17.28
CA LEU B 142 9.84 -14.33 -18.53
C LEU B 142 9.38 -13.24 -19.50
N TYR B 143 9.14 -12.03 -19.03
CA TYR B 143 8.85 -10.88 -19.93
C TYR B 143 10.15 -10.39 -20.61
N ASP B 144 11.29 -10.43 -19.90
CA ASP B 144 12.65 -10.17 -20.45
C ASP B 144 12.99 -11.24 -21.49
N LEU B 145 12.63 -12.49 -21.26
CA LEU B 145 12.88 -13.59 -22.22
C LEU B 145 12.00 -13.36 -23.46
N LEU B 146 10.76 -12.93 -23.27
CA LEU B 146 9.87 -12.68 -24.43
C LEU B 146 10.50 -11.58 -25.27
N ARG B 147 10.99 -10.52 -24.60
CA ARG B 147 11.60 -9.33 -25.23
C ARG B 147 12.83 -9.78 -26.04
N ASN B 148 13.62 -10.69 -25.49
CA ASN B 148 14.76 -11.32 -26.20
C ASN B 148 14.35 -12.04 -27.49
N THR B 149 13.16 -12.66 -27.52
CA THR B 149 12.62 -13.38 -28.71
C THR B 149 11.96 -12.37 -29.67
N ASN B 150 12.08 -11.06 -29.37
CA ASN B 150 11.38 -9.97 -30.12
C ASN B 150 9.88 -10.29 -30.17
N PHE B 151 9.32 -10.72 -29.04
CA PHE B 151 7.88 -11.02 -28.85
C PHE B 151 7.42 -12.02 -29.92
N ARG B 152 8.24 -13.00 -30.25
CA ARG B 152 7.86 -14.11 -31.18
C ARG B 152 7.66 -15.42 -30.42
N GLY B 153 8.05 -15.46 -29.14
CA GLY B 153 7.75 -16.58 -28.22
C GLY B 153 8.87 -17.58 -28.14
N VAL B 154 8.78 -18.53 -27.22
CA VAL B 154 9.77 -19.62 -27.06
C VAL B 154 9.12 -20.87 -27.64
N SER B 155 9.88 -21.96 -27.80
CA SER B 155 9.36 -23.24 -28.35
C SER B 155 8.33 -23.83 -27.38
N LEU B 156 7.44 -24.66 -27.92
CA LEU B 156 6.44 -25.42 -27.16
C LEU B 156 7.16 -26.37 -26.22
N ASN B 157 8.40 -26.75 -26.51
CA ASN B 157 9.16 -27.65 -25.62
C ASN B 157 9.57 -26.86 -24.36
N LEU B 158 10.02 -25.63 -24.53
CA LEU B 158 10.33 -24.76 -23.39
C LEU B 158 9.03 -24.41 -22.65
N THR B 159 7.99 -24.07 -23.41
CA THR B 159 6.65 -23.72 -22.87
C THR B 159 6.15 -24.87 -22.01
N ARG B 160 6.42 -26.12 -22.40
CA ARG B 160 5.90 -27.31 -21.71
C ARG B 160 6.63 -27.43 -20.37
N LYS B 161 7.95 -27.25 -20.38
CA LYS B 161 8.78 -27.22 -19.15
C LYS B 161 8.28 -26.11 -18.21
N PHE B 162 8.03 -24.90 -18.71
CA PHE B 162 7.61 -23.76 -17.84
C PHE B 162 6.26 -24.10 -17.18
N ALA B 163 5.35 -24.65 -17.95
CA ALA B 163 3.98 -24.95 -17.52
C ALA B 163 4.01 -26.01 -16.42
N GLN B 164 4.88 -27.01 -16.55
CA GLN B 164 4.92 -28.13 -15.59
C GLN B 164 5.31 -27.54 -14.22
N GLN B 165 6.33 -26.68 -14.25
CA GLN B 165 6.93 -26.01 -13.09
C GLN B 165 5.91 -25.08 -12.44
N MET B 166 5.25 -24.26 -13.24
CA MET B 166 4.18 -23.36 -12.74
C MET B 166 3.03 -24.16 -12.12
N CYS B 167 2.66 -25.32 -12.67
CA CYS B 167 1.51 -26.14 -12.19
C CYS B 167 1.89 -26.77 -10.84
N THR B 168 3.15 -27.18 -10.70
CA THR B 168 3.72 -27.69 -9.43
C THR B 168 3.72 -26.57 -8.38
N ALA B 169 4.05 -25.36 -8.79
CA ALA B 169 4.05 -24.20 -7.87
C ALA B 169 2.63 -24.00 -7.35
N LEU B 170 1.66 -24.03 -8.27
CA LEU B 170 0.24 -23.74 -7.92
C LEU B 170 -0.26 -24.87 -7.01
N LEU B 171 0.20 -26.10 -7.26
CA LEU B 171 -0.13 -27.29 -6.45
C LEU B 171 0.36 -27.07 -5.00
N PHE B 172 1.59 -26.57 -4.84
CA PHE B 172 2.17 -26.30 -3.50
C PHE B 172 1.34 -25.23 -2.80
N LEU B 173 0.99 -24.16 -3.52
CA LEU B 173 0.25 -23.01 -2.92
C LEU B 173 -1.16 -23.44 -2.44
N ALA B 174 -1.73 -24.48 -3.05
CA ALA B 174 -3.09 -24.98 -2.75
C ALA B 174 -3.09 -25.92 -1.53
N THR B 175 -1.91 -26.34 -1.06
CA THR B 175 -1.77 -27.04 0.24
C THR B 175 -2.69 -26.38 1.27
N PRO B 176 -3.57 -27.18 1.92
CA PRO B 176 -4.59 -26.64 2.83
C PRO B 176 -4.06 -25.66 3.89
N GLU B 177 -2.93 -25.93 4.53
CA GLU B 177 -2.38 -25.02 5.58
C GLU B 177 -1.93 -23.70 4.93
N LEU B 178 -1.62 -23.67 3.65
CA LEU B 178 -1.19 -22.42 2.97
C LEU B 178 -2.42 -21.74 2.35
N SER B 179 -3.01 -22.33 1.32
CA SER B 179 -4.21 -21.80 0.62
C SER B 179 -3.93 -20.40 0.09
N ILE B 180 -2.78 -20.21 -0.58
CA ILE B 180 -2.27 -18.88 -1.00
C ILE B 180 -2.70 -18.62 -2.44
N ILE B 181 -3.39 -17.51 -2.66
CA ILE B 181 -3.65 -16.92 -4.00
C ILE B 181 -2.57 -15.85 -4.25
N HIS B 182 -1.74 -16.06 -5.29
CA HIS B 182 -0.67 -15.10 -5.70
C HIS B 182 -1.31 -13.75 -6.04
N CYS B 183 -2.34 -13.78 -6.89
CA CYS B 183 -3.18 -12.62 -7.28
C CYS B 183 -2.47 -11.70 -8.29
N ASP B 184 -1.23 -11.99 -8.71
CA ASP B 184 -0.58 -11.14 -9.75
C ASP B 184 0.43 -11.96 -10.58
N LEU B 185 0.08 -13.21 -10.90
CA LEU B 185 0.84 -13.97 -11.91
C LEU B 185 0.86 -13.19 -13.24
N LYS B 186 2.08 -13.02 -13.75
CA LYS B 186 2.39 -12.44 -15.09
C LYS B 186 3.84 -12.80 -15.39
N PRO B 187 4.28 -12.66 -16.65
CA PRO B 187 5.65 -13.01 -17.01
C PRO B 187 6.70 -12.26 -16.19
N GLU B 188 6.44 -11.02 -15.82
CA GLU B 188 7.37 -10.18 -15.02
C GLU B 188 7.60 -10.82 -13.65
N ASN B 189 6.66 -11.64 -13.14
CA ASN B 189 6.69 -12.23 -11.77
C ASN B 189 7.10 -13.69 -11.82
N ILE B 190 7.65 -14.16 -12.94
CA ILE B 190 8.30 -15.50 -13.03
C ILE B 190 9.73 -15.28 -13.51
N LEU B 191 10.71 -15.80 -12.76
CA LEU B 191 12.14 -15.53 -13.00
C LEU B 191 12.86 -16.85 -13.27
N LEU B 192 13.82 -16.83 -14.20
CA LEU B 192 14.74 -17.96 -14.46
C LEU B 192 15.72 -18.03 -13.30
N CYS B 193 16.14 -19.22 -12.91
CA CYS B 193 17.20 -19.41 -11.88
C CYS B 193 18.56 -19.13 -12.52
N ASN B 194 18.70 -19.49 -13.80
CA ASN B 194 19.94 -19.39 -14.62
C ASN B 194 19.54 -18.98 -16.02
N PRO B 195 20.33 -18.12 -16.71
CA PRO B 195 19.97 -17.66 -18.06
C PRO B 195 20.03 -18.70 -19.19
N LYS B 196 20.80 -19.78 -19.07
CA LYS B 196 20.88 -20.85 -20.11
C LYS B 196 20.03 -22.08 -19.72
N ARG B 197 19.24 -22.01 -18.65
CA ARG B 197 18.47 -23.17 -18.14
C ARG B 197 16.96 -22.83 -18.13
N SER B 198 16.10 -23.83 -17.95
CA SER B 198 14.62 -23.71 -18.11
C SER B 198 13.93 -23.67 -16.74
N ALA B 199 14.70 -23.85 -15.66
CA ALA B 199 14.21 -23.76 -14.27
C ALA B 199 13.60 -22.38 -14.01
N ILE B 200 12.43 -22.30 -13.36
CA ILE B 200 11.81 -20.99 -12.99
C ILE B 200 11.31 -21.05 -11.55
N LYS B 201 11.19 -19.87 -10.92
CA LYS B 201 10.51 -19.68 -9.61
C LYS B 201 9.55 -18.50 -9.73
N ILE B 202 8.50 -18.52 -8.93
CA ILE B 202 7.50 -17.43 -8.82
C ILE B 202 8.04 -16.43 -7.80
N VAL B 203 7.87 -15.13 -8.06
CA VAL B 203 8.30 -14.09 -7.10
C VAL B 203 7.14 -13.13 -6.86
N ASP B 204 7.36 -12.27 -5.86
CA ASP B 204 6.53 -11.10 -5.52
C ASP B 204 5.18 -11.55 -4.97
N PHE B 205 5.10 -11.75 -3.65
CA PHE B 205 3.85 -12.16 -2.96
C PHE B 205 3.26 -10.93 -2.26
N GLY B 206 3.59 -9.76 -2.78
CA GLY B 206 3.18 -8.46 -2.23
C GLY B 206 1.69 -8.23 -2.40
N SER B 207 1.09 -8.79 -3.46
CA SER B 207 -0.37 -8.65 -3.74
C SER B 207 -1.16 -9.88 -3.29
N SER B 208 -0.51 -10.83 -2.61
CA SER B 208 -1.03 -12.17 -2.31
C SER B 208 -1.98 -12.14 -1.10
N CYS B 209 -2.77 -13.20 -0.94
CA CYS B 209 -3.66 -13.40 0.23
C CYS B 209 -3.88 -14.91 0.45
N GLN B 210 -4.42 -15.27 1.62
CA GLN B 210 -4.95 -16.63 1.81
C GLN B 210 -6.43 -16.65 1.46
N LEU B 211 -6.94 -17.83 1.11
CA LEU B 211 -8.38 -18.09 0.85
C LEU B 211 -9.17 -17.67 2.09
N GLY B 212 -10.30 -17.00 1.88
CA GLY B 212 -11.24 -16.57 2.94
C GLY B 212 -10.98 -15.16 3.46
N GLN B 213 -9.95 -14.45 2.96
CA GLN B 213 -9.72 -13.01 3.22
C GLN B 213 -10.78 -12.19 2.49
N ARG B 214 -10.94 -10.91 2.86
CA ARG B 214 -11.98 -10.00 2.32
C ARG B 214 -11.87 -10.01 0.78
N ILE B 215 -13.01 -10.16 0.10
CA ILE B 215 -13.11 -10.17 -1.39
C ILE B 215 -12.97 -8.72 -1.90
N TYR B 216 -11.90 -8.44 -2.67
CA TYR B 216 -11.60 -7.11 -3.27
C TYR B 216 -11.83 -7.15 -4.78
N GLN B 217 -12.34 -6.06 -5.35
CA GLN B 217 -12.41 -5.89 -6.81
C GLN B 217 -11.08 -5.28 -7.26
N PTR B 218 -10.81 -5.42 -8.57
CA PTR B 218 -9.69 -4.78 -9.26
C PTR B 218 -8.36 -5.37 -8.82
O PTR B 218 -7.37 -4.67 -8.82
CB PTR B 218 -9.74 -3.27 -9.07
CG PTR B 218 -11.00 -2.65 -9.61
CD1 PTR B 218 -11.19 -2.54 -10.98
CD2 PTR B 218 -12.00 -2.21 -8.76
CE1 PTR B 218 -12.35 -2.00 -11.51
CE2 PTR B 218 -13.18 -1.67 -9.26
CZ PTR B 218 -13.33 -1.58 -10.63
OH PTR B 218 -14.47 -1.04 -11.22
P PTR B 218 -15.85 -0.85 -10.47
O1P PTR B 218 -16.75 -0.68 -11.69
O2P PTR B 218 -16.20 -2.07 -9.64
O3P PTR B 218 -15.87 0.38 -9.58
N ILE B 219 -8.34 -6.67 -8.50
CA ILE B 219 -7.10 -7.39 -8.26
C ILE B 219 -6.65 -8.09 -9.54
N GLN B 220 -5.38 -8.52 -9.54
CA GLN B 220 -4.64 -9.13 -10.67
C GLN B 220 -4.32 -8.05 -11.72
N SER B 221 -3.20 -8.18 -12.42
CA SER B 221 -2.92 -7.34 -13.61
C SER B 221 -4.04 -7.57 -14.62
N ARG B 222 -4.55 -6.48 -15.19
CA ARG B 222 -5.75 -6.52 -16.07
C ARG B 222 -5.61 -7.64 -17.13
N PHE B 223 -4.47 -7.78 -17.81
CA PHE B 223 -4.34 -8.79 -18.90
C PHE B 223 -4.51 -10.23 -18.36
N TYR B 224 -4.24 -10.48 -17.08
CA TYR B 224 -4.24 -11.83 -16.46
C TYR B 224 -5.40 -11.99 -15.49
N ARG B 225 -6.33 -11.03 -15.50
CA ARG B 225 -7.40 -10.97 -14.49
C ARG B 225 -8.53 -11.90 -14.92
N SER B 226 -9.03 -12.66 -13.96
CA SER B 226 -10.03 -13.71 -14.18
C SER B 226 -11.39 -13.06 -14.42
N PRO B 227 -12.34 -13.78 -15.07
CA PRO B 227 -13.65 -13.23 -15.36
C PRO B 227 -14.42 -13.00 -14.05
N GLU B 228 -14.22 -13.89 -13.06
CA GLU B 228 -14.90 -13.78 -11.75
C GLU B 228 -14.48 -12.48 -11.04
N VAL B 229 -13.22 -12.06 -11.13
CA VAL B 229 -12.75 -10.76 -10.57
C VAL B 229 -13.31 -9.61 -11.41
N LEU B 230 -13.25 -9.71 -12.75
CA LEU B 230 -13.90 -8.71 -13.66
C LEU B 230 -15.39 -8.56 -13.28
N LEU B 231 -16.06 -9.67 -12.98
CA LEU B 231 -17.53 -9.70 -12.76
C LEU B 231 -17.87 -9.35 -11.32
N GLY B 232 -16.87 -9.13 -10.46
CA GLY B 232 -17.07 -8.70 -9.07
C GLY B 232 -17.64 -9.81 -8.21
N MET B 233 -17.40 -11.05 -8.60
CA MET B 233 -17.77 -12.25 -7.81
C MET B 233 -16.65 -12.63 -6.84
N PRO B 234 -16.95 -13.48 -5.82
CA PRO B 234 -15.90 -14.03 -4.97
C PRO B 234 -14.91 -14.86 -5.80
N TYR B 235 -13.72 -15.03 -5.27
CA TYR B 235 -12.61 -15.71 -6.00
C TYR B 235 -11.82 -16.58 -5.03
N ASP B 236 -11.04 -17.48 -5.61
CA ASP B 236 -10.27 -18.51 -4.87
C ASP B 236 -8.94 -18.71 -5.62
N LEU B 237 -8.28 -19.84 -5.43
CA LEU B 237 -6.94 -20.11 -6.00
C LEU B 237 -7.06 -20.29 -7.52
N ALA B 238 -8.27 -20.47 -8.05
CA ALA B 238 -8.50 -20.68 -9.49
C ALA B 238 -8.15 -19.41 -10.29
N ILE B 239 -8.19 -18.22 -9.67
CA ILE B 239 -7.82 -16.99 -10.42
C ILE B 239 -6.37 -17.14 -10.84
N ASP B 240 -5.54 -17.86 -10.09
CA ASP B 240 -4.11 -18.06 -10.47
C ASP B 240 -4.03 -19.01 -11.68
N MET B 241 -4.91 -20.01 -11.80
CA MET B 241 -4.90 -20.94 -12.95
C MET B 241 -5.30 -20.21 -14.24
N TRP B 242 -6.25 -19.28 -14.14
CA TRP B 242 -6.65 -18.40 -15.27
C TRP B 242 -5.41 -17.68 -15.78
N SER B 243 -4.71 -16.97 -14.88
CA SER B 243 -3.53 -16.14 -15.22
C SER B 243 -2.52 -17.03 -15.92
N LEU B 244 -2.34 -18.27 -15.42
CA LEU B 244 -1.32 -19.20 -15.98
C LEU B 244 -1.66 -19.55 -17.42
N GLY B 245 -2.94 -19.81 -17.73
CA GLY B 245 -3.43 -20.08 -19.09
C GLY B 245 -3.08 -18.95 -20.03
N CYS B 246 -3.30 -17.72 -19.59
CA CYS B 246 -2.96 -16.49 -20.35
C CYS B 246 -1.43 -16.41 -20.58
N ILE B 247 -0.64 -16.70 -19.56
CA ILE B 247 0.85 -16.61 -19.61
C ILE B 247 1.38 -17.66 -20.57
N LEU B 248 0.87 -18.88 -20.50
CA LEU B 248 1.42 -20.01 -21.30
C LEU B 248 1.20 -19.75 -22.79
N VAL B 249 0.03 -19.23 -23.17
CA VAL B 249 -0.25 -18.85 -24.57
C VAL B 249 0.76 -17.78 -24.97
N GLU B 250 0.90 -16.74 -24.17
CA GLU B 250 1.79 -15.57 -24.43
C GLU B 250 3.26 -16.02 -24.48
N MET B 251 3.70 -16.97 -23.67
CA MET B 251 5.11 -17.45 -23.73
C MET B 251 5.40 -18.11 -25.09
N HIS B 252 4.38 -18.69 -25.74
CA HIS B 252 4.55 -19.41 -27.02
C HIS B 252 4.31 -18.47 -28.20
N THR B 253 3.24 -17.65 -28.19
CA THR B 253 2.93 -16.72 -29.31
C THR B 253 3.84 -15.50 -29.22
N GLY B 254 4.23 -15.12 -28.00
CA GLY B 254 5.08 -13.94 -27.74
C GLY B 254 4.25 -12.69 -27.45
N GLU B 255 2.92 -12.78 -27.53
CA GLU B 255 2.05 -11.59 -27.33
C GLU B 255 0.96 -11.94 -26.30
N PRO B 256 0.52 -10.98 -25.46
CA PRO B 256 -0.60 -11.20 -24.54
C PRO B 256 -1.81 -11.79 -25.28
N LEU B 257 -2.56 -12.65 -24.60
CA LEU B 257 -3.76 -13.33 -25.17
C LEU B 257 -4.89 -12.30 -25.13
N PHE B 258 -5.01 -11.57 -24.03
CA PHE B 258 -6.12 -10.62 -23.77
C PHE B 258 -5.58 -9.27 -23.32
N SER B 259 -5.32 -8.34 -24.25
CA SER B 259 -4.62 -7.06 -23.98
C SER B 259 -5.62 -5.90 -23.85
N GLY B 260 -6.39 -5.86 -22.77
CA GLY B 260 -7.46 -4.87 -22.54
C GLY B 260 -6.92 -3.59 -21.95
N ALA B 261 -7.35 -2.45 -22.49
CA ALA B 261 -7.04 -1.09 -22.00
C ALA B 261 -7.84 -0.80 -20.74
N ASN B 262 -8.95 -1.50 -20.53
CA ASN B 262 -9.84 -1.30 -19.36
C ASN B 262 -10.65 -2.58 -19.16
N GLU B 263 -11.44 -2.64 -18.09
CA GLU B 263 -12.24 -3.83 -17.74
C GLU B 263 -13.20 -4.15 -18.90
N VAL B 264 -13.83 -3.14 -19.50
CA VAL B 264 -14.79 -3.34 -20.63
C VAL B 264 -14.05 -3.93 -21.84
N ASP B 265 -12.92 -3.34 -22.22
CA ASP B 265 -12.07 -3.82 -23.35
C ASP B 265 -11.58 -5.23 -23.04
N GLN B 266 -11.15 -5.45 -21.80
CA GLN B 266 -10.57 -6.72 -21.29
C GLN B 266 -11.63 -7.81 -21.43
N MET B 267 -12.81 -7.61 -20.84
CA MET B 267 -13.89 -8.64 -20.84
C MET B 267 -14.23 -8.96 -22.30
N ASN B 268 -14.27 -7.92 -23.14
CA ASN B 268 -14.68 -8.01 -24.55
C ASN B 268 -13.68 -8.87 -25.33
N LYS B 269 -12.39 -8.80 -24.99
CA LYS B 269 -11.33 -9.56 -25.69
C LYS B 269 -11.42 -11.04 -25.32
N ILE B 270 -11.85 -11.33 -24.08
CA ILE B 270 -12.06 -12.69 -23.53
C ILE B 270 -13.23 -13.33 -24.28
N VAL B 271 -14.32 -12.58 -24.44
CA VAL B 271 -15.57 -13.03 -25.13
C VAL B 271 -15.26 -13.30 -26.61
N GLU B 272 -14.41 -12.47 -27.25
CA GLU B 272 -13.97 -12.71 -28.66
C GLU B 272 -13.47 -14.14 -28.81
N VAL B 273 -12.81 -14.67 -27.79
CA VAL B 273 -12.15 -16.01 -27.86
C VAL B 273 -13.09 -17.07 -27.25
N LEU B 274 -13.75 -16.78 -26.13
CA LEU B 274 -14.44 -17.83 -25.33
C LEU B 274 -15.96 -17.72 -25.49
N GLY B 275 -16.46 -16.69 -26.18
CA GLY B 275 -17.90 -16.45 -26.28
C GLY B 275 -18.46 -15.82 -25.02
N ILE B 276 -19.79 -15.83 -24.89
CA ILE B 276 -20.52 -15.22 -23.73
C ILE B 276 -20.34 -16.17 -22.55
N PRO B 277 -20.04 -15.64 -21.33
CA PRO B 277 -19.94 -16.49 -20.16
C PRO B 277 -21.29 -17.17 -19.93
N PRO B 278 -21.33 -18.38 -19.34
CA PRO B 278 -22.60 -19.04 -19.11
C PRO B 278 -23.53 -18.22 -18.20
N ALA B 279 -24.84 -18.34 -18.44
CA ALA B 279 -25.92 -17.54 -17.80
C ALA B 279 -25.90 -17.75 -16.30
N HIS B 280 -25.57 -18.96 -15.84
CA HIS B 280 -25.55 -19.27 -14.38
C HIS B 280 -24.57 -18.33 -13.69
N ILE B 281 -23.48 -17.93 -14.36
CA ILE B 281 -22.49 -16.99 -13.77
C ILE B 281 -23.01 -15.55 -13.87
N LEU B 282 -23.45 -15.15 -15.05
CA LEU B 282 -23.94 -13.76 -15.30
C LEU B 282 -25.15 -13.43 -14.41
N ASP B 283 -25.94 -14.43 -14.03
CA ASP B 283 -27.21 -14.22 -13.26
C ASP B 283 -26.88 -13.72 -11.84
N GLN B 284 -25.79 -14.20 -11.23
CA GLN B 284 -25.39 -13.76 -9.87
C GLN B 284 -24.06 -12.97 -9.92
N ALA B 285 -23.83 -12.24 -11.02
CA ALA B 285 -22.60 -11.45 -11.23
C ALA B 285 -22.90 -9.98 -10.93
N PRO B 286 -22.44 -9.44 -9.77
CA PRO B 286 -22.64 -8.03 -9.41
C PRO B 286 -22.31 -7.03 -10.53
N LYS B 287 -21.28 -7.28 -11.32
CA LYS B 287 -20.86 -6.32 -12.37
C LYS B 287 -21.20 -6.87 -13.75
N ALA B 288 -22.22 -7.75 -13.88
CA ALA B 288 -22.62 -8.32 -15.19
C ALA B 288 -23.08 -7.20 -16.15
N ARG B 289 -23.80 -6.18 -15.66
CA ARG B 289 -24.44 -5.16 -16.54
C ARG B 289 -23.43 -4.05 -16.87
N LYS B 290 -22.21 -4.15 -16.35
CA LYS B 290 -21.04 -3.36 -16.85
C LYS B 290 -20.62 -3.83 -18.26
N PHE B 291 -20.87 -5.10 -18.64
CA PHE B 291 -20.32 -5.68 -19.89
C PHE B 291 -21.44 -6.22 -20.78
N PHE B 292 -22.48 -6.81 -20.20
CA PHE B 292 -23.58 -7.46 -20.96
C PHE B 292 -24.94 -6.83 -20.62
N GLU B 293 -25.85 -6.87 -21.60
CA GLU B 293 -27.29 -6.54 -21.45
C GLU B 293 -28.07 -7.76 -21.94
N LYS B 294 -29.30 -7.58 -22.39
CA LYS B 294 -30.18 -8.69 -22.84
C LYS B 294 -30.89 -8.29 -24.12
N LEU B 295 -31.01 -9.24 -25.06
CA LEU B 295 -31.86 -9.11 -26.25
C LEU B 295 -33.33 -9.29 -25.84
N PRO B 296 -34.30 -8.80 -26.64
CA PRO B 296 -35.73 -8.94 -26.37
C PRO B 296 -36.23 -10.36 -26.01
N ASP B 297 -35.42 -11.40 -26.28
CA ASP B 297 -35.69 -12.83 -25.94
C ASP B 297 -35.10 -13.20 -24.56
N GLY B 298 -34.45 -12.25 -23.86
CA GLY B 298 -33.97 -12.41 -22.48
C GLY B 298 -32.61 -13.10 -22.37
N THR B 299 -31.89 -13.33 -23.47
CA THR B 299 -30.56 -13.99 -23.44
C THR B 299 -29.47 -12.93 -23.32
N TRP B 300 -28.43 -13.20 -22.52
CA TRP B 300 -27.24 -12.33 -22.28
C TRP B 300 -26.52 -12.05 -23.60
N ASN B 301 -26.04 -10.82 -23.79
CA ASN B 301 -25.46 -10.31 -25.05
C ASN B 301 -24.48 -9.20 -24.66
N LEU B 302 -23.46 -8.92 -25.48
CA LEU B 302 -22.52 -7.80 -25.24
C LEU B 302 -23.20 -6.44 -25.46
N LYS B 303 -22.61 -5.38 -24.92
CA LYS B 303 -22.96 -3.96 -25.19
C LYS B 303 -21.84 -3.35 -26.05
N GLU B 311 -15.91 -3.57 -34.27
CA GLU B 311 -14.86 -3.21 -33.29
C GLU B 311 -14.19 -4.49 -32.74
N TYR B 312 -14.95 -5.55 -32.39
CA TYR B 312 -14.48 -6.88 -31.95
C TYR B 312 -15.08 -8.00 -32.81
N LYS B 313 -14.33 -9.07 -33.08
CA LYS B 313 -14.87 -10.31 -33.68
C LYS B 313 -16.06 -10.80 -32.84
N PRO B 314 -17.09 -11.39 -33.47
CA PRO B 314 -18.22 -11.91 -32.71
C PRO B 314 -17.76 -12.93 -31.68
N PRO B 315 -18.51 -13.04 -30.57
CA PRO B 315 -18.23 -14.01 -29.51
C PRO B 315 -17.81 -15.43 -29.97
N GLY B 316 -16.67 -15.92 -29.48
CA GLY B 316 -16.20 -17.30 -29.68
C GLY B 316 -15.56 -17.56 -31.03
N THR B 317 -15.38 -16.54 -31.88
CA THR B 317 -14.91 -16.70 -33.30
C THR B 317 -13.38 -16.58 -33.39
N ARG B 318 -12.72 -15.91 -32.43
CA ARG B 318 -11.23 -15.80 -32.40
C ARG B 318 -10.72 -17.07 -31.73
N LYS B 319 -10.28 -18.05 -32.50
CA LYS B 319 -10.09 -19.40 -31.91
C LYS B 319 -8.64 -19.56 -31.49
N LEU B 320 -8.44 -20.24 -30.37
CA LEU B 320 -7.11 -20.58 -29.84
C LEU B 320 -6.42 -21.51 -30.85
N HIS B 321 -7.23 -22.26 -31.61
CA HIS B 321 -6.76 -23.16 -32.70
C HIS B 321 -5.99 -22.34 -33.75
N ASN B 322 -6.49 -21.16 -34.17
CA ASN B 322 -5.76 -20.28 -35.13
C ASN B 322 -4.70 -19.45 -34.42
N ILE B 323 -4.96 -18.98 -33.18
CA ILE B 323 -3.96 -18.18 -32.40
C ILE B 323 -2.70 -19.02 -32.19
N LEU B 324 -2.83 -20.31 -31.88
CA LEU B 324 -1.66 -21.18 -31.60
C LEU B 324 -1.04 -21.72 -32.90
N GLY B 325 -1.69 -21.54 -34.07
CA GLY B 325 -1.24 -22.12 -35.34
C GLY B 325 -1.14 -23.63 -35.29
N VAL B 326 -2.20 -24.30 -34.83
CA VAL B 326 -2.18 -25.75 -34.49
C VAL B 326 -1.70 -26.55 -35.71
N GLU B 327 -2.20 -26.21 -36.90
CA GLU B 327 -1.99 -27.02 -38.14
C GLU B 327 -0.99 -26.33 -39.08
N THR B 328 -0.42 -25.20 -38.69
CA THR B 328 0.39 -24.35 -39.60
C THR B 328 1.75 -24.11 -38.97
N GLY B 329 2.39 -25.16 -38.46
CA GLY B 329 3.76 -25.11 -37.93
C GLY B 329 3.89 -24.14 -36.76
N GLY B 330 2.79 -23.93 -36.05
CA GLY B 330 2.73 -23.07 -34.86
C GLY B 330 2.91 -21.61 -35.22
N PRO B 331 3.16 -20.76 -34.20
CA PRO B 331 3.38 -19.32 -34.39
C PRO B 331 4.58 -19.05 -35.30
N GLY B 332 4.39 -18.21 -36.31
CA GLY B 332 5.40 -17.91 -37.36
C GLY B 332 5.60 -19.06 -38.34
N GLY B 333 4.78 -20.12 -38.21
CA GLY B 333 4.78 -21.35 -39.02
C GLY B 333 6.16 -21.95 -39.17
N ARG B 334 6.99 -21.93 -38.12
CA ARG B 334 8.42 -22.31 -38.20
C ARG B 334 8.73 -23.58 -37.39
N ARG B 335 7.72 -24.22 -36.80
CA ARG B 335 7.93 -25.41 -35.93
C ARG B 335 7.43 -26.66 -36.65
N ALA B 336 6.98 -26.57 -37.91
CA ALA B 336 6.40 -27.72 -38.64
C ALA B 336 7.45 -28.84 -38.72
N GLY B 337 7.16 -30.01 -38.16
CA GLY B 337 8.05 -31.18 -38.17
C GLY B 337 9.18 -31.10 -37.14
N GLU B 338 9.18 -30.10 -36.27
CA GLU B 338 10.13 -30.09 -35.11
C GLU B 338 9.64 -31.11 -34.08
N SER B 339 10.58 -31.70 -33.33
CA SER B 339 10.34 -32.65 -32.23
C SER B 339 9.54 -31.97 -31.11
N GLY B 340 8.43 -32.58 -30.66
CA GLY B 340 7.55 -32.09 -29.58
C GLY B 340 6.59 -30.99 -30.07
N HIS B 341 6.54 -30.73 -31.39
CA HIS B 341 5.71 -29.67 -32.02
C HIS B 341 4.71 -30.27 -33.02
N THR B 342 4.35 -31.55 -32.87
CA THR B 342 3.38 -32.23 -33.75
C THR B 342 1.99 -31.59 -33.58
N VAL B 343 1.13 -31.78 -34.57
CA VAL B 343 -0.29 -31.33 -34.51
C VAL B 343 -0.90 -31.87 -33.22
N ALA B 344 -0.63 -33.13 -32.88
CA ALA B 344 -1.18 -33.78 -31.67
C ALA B 344 -0.70 -33.04 -30.41
N ASP B 345 0.56 -32.59 -30.40
CA ASP B 345 1.19 -31.87 -29.26
C ASP B 345 0.49 -30.53 -29.10
N TYR B 346 0.13 -29.87 -30.19
CA TYR B 346 -0.59 -28.57 -30.15
C TYR B 346 -2.04 -28.77 -29.69
N LEU B 347 -2.69 -29.87 -30.07
CA LEU B 347 -4.11 -30.15 -29.69
C LEU B 347 -4.16 -30.44 -28.19
N LYS B 348 -3.14 -31.12 -27.67
CA LYS B 348 -2.96 -31.34 -26.21
C LYS B 348 -2.72 -30.00 -25.51
N PHE B 349 -1.90 -29.11 -26.06
CA PHE B 349 -1.62 -27.76 -25.48
C PHE B 349 -2.95 -27.00 -25.42
N LYS B 350 -3.66 -26.95 -26.55
CA LYS B 350 -4.91 -26.14 -26.68
C LYS B 350 -5.94 -26.68 -25.67
N ASP B 351 -6.03 -28.01 -25.56
CA ASP B 351 -6.90 -28.69 -24.59
C ASP B 351 -6.56 -28.21 -23.16
N LEU B 352 -5.28 -28.23 -22.78
CA LEU B 352 -4.87 -27.84 -21.41
C LEU B 352 -5.24 -26.36 -21.19
N ILE B 353 -4.98 -25.50 -22.17
CA ILE B 353 -5.18 -24.03 -22.05
C ILE B 353 -6.68 -23.73 -21.90
N LEU B 354 -7.54 -24.41 -22.67
CA LEU B 354 -9.02 -24.21 -22.62
C LEU B 354 -9.56 -24.69 -21.28
N ARG B 355 -8.92 -25.64 -20.63
CA ARG B 355 -9.38 -26.12 -19.30
C ARG B 355 -8.94 -25.11 -18.25
N MET B 356 -7.82 -24.42 -18.46
CA MET B 356 -7.36 -23.35 -17.54
C MET B 356 -8.19 -22.10 -17.77
N LEU B 357 -8.78 -21.97 -18.95
CA LEU B 357 -9.52 -20.74 -19.31
C LEU B 357 -11.03 -21.00 -19.23
N ASP B 358 -11.43 -22.00 -18.45
CA ASP B 358 -12.84 -22.27 -18.06
C ASP B 358 -13.40 -21.04 -17.33
N TYR B 359 -14.55 -20.55 -17.79
CA TYR B 359 -15.27 -19.40 -17.18
C TYR B 359 -15.70 -19.75 -15.77
N ASP B 360 -16.07 -21.02 -15.55
CA ASP B 360 -16.56 -21.50 -14.24
C ASP B 360 -15.35 -21.85 -13.40
N PRO B 361 -15.08 -21.12 -12.29
CA PRO B 361 -13.99 -21.45 -11.38
C PRO B 361 -14.10 -22.82 -10.68
N LYS B 362 -15.33 -23.33 -10.57
CA LYS B 362 -15.63 -24.63 -9.92
C LYS B 362 -15.00 -25.76 -10.77
N THR B 363 -15.14 -25.70 -12.10
CA THR B 363 -14.78 -26.80 -13.05
C THR B 363 -13.46 -26.46 -13.77
N ARG B 364 -12.94 -25.25 -13.59
CA ARG B 364 -11.61 -24.87 -14.15
C ARG B 364 -10.59 -25.87 -13.62
N ILE B 365 -9.65 -26.30 -14.44
CA ILE B 365 -8.73 -27.42 -14.08
C ILE B 365 -7.98 -27.03 -12.81
N GLN B 366 -7.77 -28.00 -11.93
CA GLN B 366 -7.00 -27.81 -10.68
C GLN B 366 -5.58 -28.27 -10.94
N PRO B 367 -4.57 -27.72 -10.22
CA PRO B 367 -3.16 -28.05 -10.43
C PRO B 367 -2.81 -29.53 -10.59
N TYR B 368 -3.28 -30.39 -9.69
CA TYR B 368 -2.93 -31.83 -9.72
C TYR B 368 -3.29 -32.43 -11.09
N TYR B 369 -4.49 -32.14 -11.59
CA TYR B 369 -5.03 -32.80 -12.81
C TYR B 369 -4.39 -32.18 -14.06
N ALA B 370 -3.96 -30.92 -13.96
CA ALA B 370 -3.18 -30.27 -15.03
C ALA B 370 -1.87 -31.05 -15.22
N LEU B 371 -1.21 -31.39 -14.11
CA LEU B 371 0.07 -32.13 -14.18
C LEU B 371 -0.14 -33.52 -14.77
N GLN B 372 -1.34 -34.09 -14.73
CA GLN B 372 -1.61 -35.45 -15.31
C GLN B 372 -2.03 -35.32 -16.77
N HIS B 373 -2.13 -34.11 -17.32
CA HIS B 373 -2.61 -33.85 -18.70
C HIS B 373 -1.61 -34.45 -19.69
N SER B 374 -2.13 -35.02 -20.77
CA SER B 374 -1.35 -35.78 -21.80
C SER B 374 -0.31 -34.85 -22.44
N PHE B 375 -0.49 -33.54 -22.32
CA PHE B 375 0.45 -32.51 -22.83
C PHE B 375 1.85 -32.69 -22.24
N PHE B 376 1.97 -33.26 -21.04
CA PHE B 376 3.25 -33.33 -20.31
C PHE B 376 3.95 -34.68 -20.52
N LYS B 377 3.48 -35.57 -21.39
CA LYS B 377 4.25 -36.81 -21.74
C LYS B 377 5.58 -36.44 -22.45
N LYS B 378 5.62 -35.33 -23.21
CA LYS B 378 6.80 -34.74 -23.94
C LYS B 378 6.90 -35.38 -25.34
C2 MFR C . -9.79 19.15 0.88
C3 MFR C . -11.10 19.58 1.07
C1 MFR C . -9.45 17.85 1.10
C11 MFR C . -9.54 14.49 1.84
N6 MFR C . -9.49 11.17 3.01
C12 MFR C . -9.06 12.31 2.45
N7 MFR C . -7.79 12.36 1.98
C13 MFR C . -7.41 13.52 1.45
C14 MFR C . -8.25 14.61 1.35
N5 MFR C . -9.94 13.34 2.39
C9 MFR C . -10.56 15.54 1.82
C8 MFR C . -11.88 15.34 2.15
N2 MFR C . -12.59 16.52 2.04
C10 MFR C . -10.45 16.95 1.49
O1 MFR C . -8.18 17.38 0.94
C15 MFR C . -7.21 18.23 0.33
C4 MFR C . -11.75 17.50 1.64
N1 MFR C . -12.10 18.78 1.46
C2 MFR D . 16.35 -10.41 -9.29
C3 MFR D . 17.26 -11.41 -9.03
C1 MFR D . 15.19 -10.33 -8.55
C11 MFR D . 12.67 -10.96 -6.29
N6 MFR D . 10.01 -11.63 -4.07
C12 MFR D . 10.73 -11.02 -5.01
N7 MFR D . 10.22 -9.92 -5.60
C13 MFR D . 10.97 -9.35 -6.54
C14 MFR D . 12.21 -9.83 -6.92
N5 MFR D . 11.92 -11.56 -5.35
C9 MFR D . 13.94 -11.61 -6.56
C8 MFR D . 14.40 -12.72 -5.89
N2 MFR D . 15.61 -13.09 -6.38
C10 MFR D . 14.96 -11.28 -7.53
O1 MFR D . 14.28 -9.35 -8.79
C15 MFR D . 14.71 -8.24 -9.56
C4 MFR D . 15.97 -12.25 -7.38
N1 MFR D . 17.09 -12.35 -8.09
#